data_5J72
#
_entry.id   5J72
#
_cell.length_a   91.357
_cell.length_b   212.916
_cell.length_c   84.931
_cell.angle_alpha   90.000
_cell.angle_beta   90.000
_cell.angle_gamma   90.000
#
_symmetry.space_group_name_H-M   'P 21 21 2'
#
loop_
_entity.id
_entity.type
_entity.pdbx_description
1 polymer 'Putative N-acetylmuramoyl-L-alanine amidase,autolysin cwp6'
2 non-polymer 'CALCIUM ION'
3 non-polymer 'SODIUM ION'
4 non-polymer 'CHLORIDE ION'
5 non-polymer 'ZINC ION'
6 non-polymer 'CITRIC ACID'
7 water water
#
_entity_poly.entity_id   1
_entity_poly.type   'polypeptide(L)'
_entity_poly.pdbx_seq_one_letter_code
;SDININLQRKSVVLGSKSNASVKFKEKLNADSITLNFMCYDMPLEATLNYNEKTDSYEGVINYNKDPEYLNVWELQSIKI
NGKDEQKVLNKEDLESMGLNLKDYDVTQEFIISDANSTKAVNEYMRKTSAPVKKLAGATRFETAVEISKQGWKDGSSKVV
IVNGELAADGITATPLASTYDAPILLANKDDIPESTKAELKRLNPSDVIIIGDDGSVSQKAVSQIKSAVNVNVTRIGGVD
RHETSLLIAKEIDKYHDVNKIYIANGYAGEYDALNISSKAGEDQQPIILANKDSVPQGTYNWLSSQGLEEAYYIGGSQSL
SSKIIDQISKIAKNGTSKNRVSGADRHETNANVIKTFYPDKELSAMLVAKSDIIVDSITAGPLAAKLKAPILITPKTYVS
AYHSTNLSEKTAETVYQIGDGMKDSVINSIASSLSKHNAPTEPDNSGSAAGKTVVIDPGHGGSDSGATSGLNGGAQEKKY
TLNTALATTEYLRSKGINVVMTRDTDKTMALGERTALSNTIKPDLFTSIHYNASNGSGNGVEIYYKVKDKNGGTTKTAAS
NILKRILEKFNMKNRGIKTRTLDNGKDYLYVLRNNNYPAILVECAFIDNKSDMDKLNTAEKVKTMGTQIGIGIEDTVK
;
_entity_poly.pdbx_strand_id   A,B
#
# COMPACT_ATOMS: atom_id res chain seq x y z
N SER A 1 -45.60 12.50 -3.11
CA SER A 1 -46.01 11.69 -4.25
C SER A 1 -46.33 10.25 -3.86
N ASP A 2 -46.93 9.52 -4.75
CA ASP A 2 -47.30 8.14 -4.47
C ASP A 2 -46.09 7.26 -4.23
N ILE A 3 -44.98 7.57 -4.94
CA ILE A 3 -43.76 6.79 -4.80
C ILE A 3 -42.58 7.70 -4.97
N ASN A 4 -41.59 7.58 -4.11
CA ASN A 4 -40.42 8.44 -4.27
C ASN A 4 -39.22 7.49 -4.19
N ILE A 5 -38.28 7.56 -5.13
CA ILE A 5 -37.12 6.67 -5.06
C ILE A 5 -35.86 7.57 -4.86
N ASN A 6 -35.13 7.36 -3.80
CA ASN A 6 -33.95 8.20 -3.55
C ASN A 6 -32.68 7.36 -3.63
N LEU A 7 -31.89 7.55 -4.69
CA LEU A 7 -30.65 6.79 -4.87
C LEU A 7 -29.48 7.69 -4.46
N GLN A 8 -28.55 7.13 -3.72
CA GLN A 8 -27.41 8.00 -3.26
C GLN A 8 -26.45 8.44 -4.39
N ARG A 9 -26.09 7.50 -5.30
CA ARG A 9 -25.07 7.74 -6.35
C ARG A 9 -25.60 7.47 -7.72
N LYS A 10 -25.27 8.33 -8.71
CA LYS A 10 -25.71 8.13 -10.07
C LYS A 10 -24.50 7.76 -10.97
N SER A 11 -23.30 7.85 -10.40
CA SER A 11 -22.06 7.45 -11.11
C SER A 11 -21.33 6.47 -10.16
N VAL A 12 -21.04 5.25 -10.60
CA VAL A 12 -20.43 4.24 -9.73
C VAL A 12 -19.28 3.51 -10.49
N VAL A 13 -18.66 2.56 -9.85
CA VAL A 13 -17.66 1.70 -10.52
C VAL A 13 -17.98 0.30 -9.96
N LEU A 14 -17.34 -0.73 -10.52
CA LEU A 14 -17.54 -2.10 -9.99
C LEU A 14 -17.16 -2.13 -8.52
N GLY A 15 -18.05 -2.63 -7.67
CA GLY A 15 -17.80 -2.70 -6.25
C GLY A 15 -18.40 -1.53 -5.47
N SER A 16 -18.93 -0.51 -6.14
CA SER A 16 -19.53 0.61 -5.34
C SER A 16 -20.73 0.16 -4.56
N LYS A 17 -21.05 0.95 -3.52
CA LYS A 17 -22.27 0.72 -2.71
C LYS A 17 -23.06 2.02 -2.79
N SER A 18 -24.36 1.93 -2.88
CA SER A 18 -25.16 3.14 -2.94
C SER A 18 -26.40 2.96 -2.05
N ASN A 19 -26.63 3.89 -1.10
CA ASN A 19 -27.82 3.73 -0.30
C ASN A 19 -29.07 4.04 -1.12
N ALA A 20 -30.14 3.27 -0.92
CA ALA A 20 -31.40 3.52 -1.63
C ALA A 20 -32.54 3.56 -0.63
N SER A 21 -33.45 4.46 -0.87
CA SER A 21 -34.60 4.60 -0.03
C SER A 21 -35.84 4.80 -0.93
N VAL A 22 -36.86 3.95 -0.76
CA VAL A 22 -38.12 4.07 -1.48
C VAL A 22 -39.28 4.31 -0.49
N LYS A 23 -40.10 5.33 -0.75
CA LYS A 23 -41.20 5.65 0.15
C LYS A 23 -42.48 5.57 -0.63
N PHE A 24 -43.47 4.83 -0.15
CA PHE A 24 -44.77 4.74 -0.82
C PHE A 24 -45.83 5.48 0.01
N LYS A 25 -46.74 6.18 -0.64
CA LYS A 25 -47.83 6.84 0.08
C LYS A 25 -48.70 5.71 0.71
N GLU A 26 -48.94 4.67 -0.07
CA GLU A 26 -49.75 3.55 0.36
C GLU A 26 -49.04 2.65 1.40
N LYS A 27 -49.79 2.13 2.39
CA LYS A 27 -49.22 1.17 3.37
C LYS A 27 -49.32 -0.19 2.64
N LEU A 28 -48.17 -0.85 2.42
CA LEU A 28 -48.17 -2.07 1.61
C LEU A 28 -48.30 -3.37 2.35
N ASN A 29 -48.13 -3.37 3.66
CA ASN A 29 -48.21 -4.63 4.39
C ASN A 29 -47.11 -5.58 3.88
N ALA A 30 -45.89 -5.09 3.84
CA ALA A 30 -44.78 -5.91 3.34
C ALA A 30 -43.52 -5.46 4.01
N ASP A 31 -42.72 -6.41 4.48
CA ASP A 31 -41.49 -6.09 5.15
C ASP A 31 -40.35 -5.66 4.23
N SER A 32 -40.46 -5.90 2.91
CA SER A 32 -39.36 -5.50 2.02
C SER A 32 -39.87 -5.40 0.60
N ILE A 33 -39.09 -4.76 -0.26
CA ILE A 33 -39.35 -4.67 -1.71
C ILE A 33 -38.04 -4.97 -2.39
N THR A 34 -38.09 -5.38 -3.66
CA THR A 34 -36.92 -5.69 -4.43
C THR A 34 -36.94 -4.85 -5.70
N LEU A 35 -35.85 -4.12 -5.93
CA LEU A 35 -35.73 -3.29 -7.14
C LEU A 35 -34.96 -4.14 -8.13
N ASN A 36 -35.41 -4.18 -9.38
CA ASN A 36 -34.67 -4.93 -10.40
C ASN A 36 -34.21 -3.93 -11.42
N PHE A 37 -32.90 -3.98 -11.76
CA PHE A 37 -32.34 -3.11 -12.81
C PHE A 37 -31.75 -4.00 -13.90
N MET A 38 -31.53 -3.45 -15.10
CA MET A 38 -30.83 -4.23 -16.12
C MET A 38 -29.87 -3.33 -16.82
N CYS A 39 -28.73 -3.89 -17.22
CA CYS A 39 -27.83 -3.15 -18.08
C CYS A 39 -27.66 -4.16 -19.31
N TYR A 40 -28.26 -3.81 -20.47
CA TYR A 40 -28.33 -4.71 -21.67
C TYR A 40 -29.01 -5.99 -21.18
N ASP A 41 -28.36 -7.15 -21.22
CA ASP A 41 -29.04 -8.36 -20.75
C ASP A 41 -28.64 -8.82 -19.37
N MET A 42 -27.95 -7.95 -18.57
CA MET A 42 -27.51 -8.41 -17.26
C MET A 42 -28.36 -7.77 -16.13
N PRO A 43 -28.88 -8.56 -15.21
CA PRO A 43 -29.71 -8.05 -14.09
C PRO A 43 -28.89 -7.71 -12.87
N LEU A 44 -29.42 -6.80 -12.07
CA LEU A 44 -28.80 -6.39 -10.80
C LEU A 44 -30.01 -6.15 -9.87
N GLU A 45 -30.01 -6.66 -8.68
CA GLU A 45 -31.16 -6.40 -7.83
C GLU A 45 -30.72 -5.95 -6.43
N ALA A 46 -31.64 -5.31 -5.71
CA ALA A 46 -31.35 -4.87 -4.33
C ALA A 46 -32.63 -5.03 -3.53
N THR A 47 -32.52 -5.55 -2.31
CA THR A 47 -33.72 -5.72 -1.47
C THR A 47 -33.68 -4.63 -0.40
N LEU A 48 -34.79 -3.88 -0.26
CA LEU A 48 -34.86 -2.76 0.71
C LEU A 48 -35.86 -3.15 1.78
N ASN A 49 -35.46 -3.04 3.05
CA ASN A 49 -36.32 -3.43 4.18
C ASN A 49 -37.05 -2.27 4.80
N TYR A 50 -38.31 -2.50 5.17
CA TYR A 50 -39.14 -1.47 5.76
C TYR A 50 -38.57 -0.96 7.10
N ASN A 51 -38.50 0.34 7.25
CA ASN A 51 -38.00 0.95 8.48
C ASN A 51 -39.18 1.76 9.03
N GLU A 52 -39.80 1.28 10.13
CA GLU A 52 -40.96 1.99 10.73
C GLU A 52 -40.57 3.34 11.23
N LYS A 53 -39.35 3.55 11.66
CA LYS A 53 -39.00 4.89 12.10
C LYS A 53 -39.28 5.88 10.97
N THR A 54 -38.84 5.55 9.74
CA THR A 54 -39.01 6.49 8.64
C THR A 54 -40.17 6.16 7.71
N ASP A 55 -40.90 5.05 7.91
CA ASP A 55 -42.01 4.69 6.99
C ASP A 55 -41.43 4.59 5.51
N SER A 56 -40.26 4.01 5.37
CA SER A 56 -39.55 3.93 4.05
C SER A 56 -38.89 2.54 3.91
N TYR A 57 -38.62 2.11 2.68
CA TYR A 57 -37.92 0.85 2.47
C TYR A 57 -36.44 1.31 2.23
N GLU A 58 -35.51 0.78 3.01
CA GLU A 58 -34.13 1.25 2.93
C GLU A 58 -33.17 0.10 2.76
N GLY A 59 -32.11 0.32 2.00
CA GLY A 59 -31.13 -0.75 1.85
C GLY A 59 -30.00 -0.19 1.03
N VAL A 60 -29.15 -1.12 0.53
CA VAL A 60 -27.99 -0.71 -0.21
C VAL A 60 -27.90 -1.41 -1.58
N ILE A 61 -27.63 -0.71 -2.67
CA ILE A 61 -27.44 -1.39 -3.95
C ILE A 61 -25.91 -1.68 -4.00
N ASN A 62 -25.51 -2.94 -4.29
CA ASN A 62 -24.10 -3.30 -4.39
C ASN A 62 -23.80 -3.51 -5.88
N TYR A 63 -23.04 -2.65 -6.50
CA TYR A 63 -22.76 -2.72 -7.92
C TYR A 63 -21.60 -3.74 -8.14
N ASN A 64 -21.85 -5.00 -7.87
N ASN A 64 -22.08 -4.97 -7.91
CA ASN A 64 -20.79 -5.96 -8.01
CA ASN A 64 -21.08 -6.02 -8.01
C ASN A 64 -20.92 -6.78 -9.31
C ASN A 64 -21.23 -6.86 -9.27
N LYS A 65 -21.73 -6.32 -10.31
CA LYS A 65 -21.85 -7.05 -11.59
C LYS A 65 -21.13 -6.24 -12.66
N ASP A 66 -20.37 -6.91 -13.55
CA ASP A 66 -19.62 -6.23 -14.60
C ASP A 66 -20.29 -6.51 -15.94
N PRO A 67 -20.97 -5.53 -16.54
CA PRO A 67 -21.67 -5.75 -17.81
C PRO A 67 -20.78 -5.96 -19.03
N GLU A 68 -21.18 -6.93 -19.87
CA GLU A 68 -20.42 -7.24 -21.10
C GLU A 68 -20.57 -6.15 -22.13
N TYR A 69 -21.71 -5.42 -22.06
CA TYR A 69 -21.94 -4.38 -23.07
C TYR A 69 -22.87 -3.37 -22.43
N LEU A 70 -22.65 -2.07 -22.76
CA LEU A 70 -23.35 -0.90 -22.17
C LEU A 70 -22.91 -0.76 -20.70
N ASN A 71 -23.22 0.39 -20.11
CA ASN A 71 -22.78 0.60 -18.73
C ASN A 71 -23.75 1.49 -17.98
N VAL A 72 -25.04 1.41 -18.33
CA VAL A 72 -26.03 2.21 -17.57
C VAL A 72 -27.07 1.24 -17.01
N TRP A 73 -27.25 1.21 -15.71
CA TRP A 73 -28.22 0.37 -15.05
C TRP A 73 -29.56 1.08 -15.12
N GLU A 74 -30.59 0.43 -15.66
CA GLU A 74 -31.93 1.04 -15.83
C GLU A 74 -32.91 0.31 -14.98
N LEU A 75 -33.71 1.03 -14.21
CA LEU A 75 -34.67 0.40 -13.31
C LEU A 75 -35.80 -0.26 -14.12
N GLN A 76 -36.10 -1.54 -13.87
CA GLN A 76 -37.19 -2.27 -14.59
C GLN A 76 -38.45 -2.47 -13.79
N SER A 77 -38.34 -2.68 -12.51
CA SER A 77 -39.51 -3.02 -11.76
C SER A 77 -39.26 -3.03 -10.27
N ILE A 78 -40.36 -3.04 -9.51
CA ILE A 78 -40.28 -3.18 -8.06
C ILE A 78 -41.19 -4.29 -7.67
N LYS A 79 -40.69 -5.26 -6.89
CA LYS A 79 -41.54 -6.33 -6.46
C LYS A 79 -41.83 -6.10 -4.96
N ILE A 80 -43.08 -6.12 -4.56
CA ILE A 80 -43.46 -5.94 -3.16
C ILE A 80 -43.56 -7.30 -2.51
N ASN A 81 -42.69 -7.56 -1.55
CA ASN A 81 -42.64 -8.90 -0.95
C ASN A 81 -43.66 -9.08 0.24
N GLY A 82 -44.97 -8.99 0.03
CA GLY A 82 -45.90 -9.26 1.13
C GLY A 82 -45.86 -10.71 1.57
N LYS A 83 -46.32 -11.01 2.78
CA LYS A 83 -46.34 -12.38 3.32
C LYS A 83 -47.29 -13.27 2.51
N ASP A 84 -48.52 -12.77 2.28
CA ASP A 84 -49.51 -13.55 1.55
C ASP A 84 -49.65 -13.15 0.10
N GLU A 85 -49.38 -11.89 -0.22
CA GLU A 85 -49.50 -11.46 -1.60
C GLU A 85 -48.25 -10.71 -2.05
N GLN A 86 -47.84 -10.92 -3.30
CA GLN A 86 -46.68 -10.21 -3.82
C GLN A 86 -47.21 -9.43 -5.01
N LYS A 87 -46.82 -8.26 -5.19
CA LYS A 87 -47.31 -7.48 -6.32
C LYS A 87 -46.08 -6.99 -7.05
N VAL A 88 -46.09 -6.94 -8.36
CA VAL A 88 -44.93 -6.45 -9.10
C VAL A 88 -45.35 -5.27 -9.90
N LEU A 89 -44.61 -4.17 -9.74
CA LEU A 89 -44.84 -3.00 -10.55
C LEU A 89 -43.81 -3.04 -11.69
N ASN A 90 -44.24 -3.22 -12.94
CA ASN A 90 -43.24 -3.22 -14.01
C ASN A 90 -43.07 -1.80 -14.58
N LYS A 91 -42.30 -1.64 -15.65
CA LYS A 91 -42.04 -0.26 -16.19
C LYS A 91 -43.25 0.51 -16.46
N GLU A 92 -44.22 -0.14 -17.15
CA GLU A 92 -45.46 0.59 -17.45
C GLU A 92 -46.21 0.97 -16.21
N ASP A 93 -46.26 0.11 -15.19
CA ASP A 93 -46.98 0.49 -13.96
C ASP A 93 -46.26 1.64 -13.30
N LEU A 94 -44.91 1.58 -13.24
CA LEU A 94 -44.18 2.66 -12.56
C LEU A 94 -44.40 4.01 -13.31
N GLU A 95 -44.41 3.99 -14.63
CA GLU A 95 -44.64 5.19 -15.42
C GLU A 95 -46.08 5.68 -15.22
N SER A 96 -47.04 4.74 -15.01
CA SER A 96 -48.45 5.10 -14.76
C SER A 96 -48.55 5.79 -13.41
N MET A 97 -47.59 5.55 -12.51
CA MET A 97 -47.62 6.19 -11.18
C MET A 97 -46.81 7.45 -11.14
N GLY A 98 -46.46 8.00 -12.27
CA GLY A 98 -45.77 9.27 -12.27
C GLY A 98 -44.24 9.26 -12.37
N LEU A 99 -43.60 8.12 -12.44
CA LEU A 99 -42.14 8.14 -12.48
C LEU A 99 -41.62 8.26 -13.83
N ASN A 100 -40.48 8.94 -13.99
CA ASN A 100 -39.81 8.99 -15.26
C ASN A 100 -38.57 8.10 -15.02
N LEU A 101 -38.57 6.87 -15.52
CA LEU A 101 -37.50 5.93 -15.15
C LEU A 101 -36.10 6.33 -15.50
N LYS A 102 -35.88 7.13 -16.54
CA LYS A 102 -34.55 7.53 -16.83
C LYS A 102 -33.96 8.39 -15.70
N ASP A 103 -34.81 9.00 -14.88
CA ASP A 103 -34.24 9.79 -13.78
C ASP A 103 -33.43 8.90 -12.80
N TYR A 104 -33.60 7.57 -12.84
CA TYR A 104 -32.87 6.70 -11.91
C TYR A 104 -31.68 5.96 -12.57
N ASP A 105 -31.36 6.26 -13.83
CA ASP A 105 -30.24 5.54 -14.49
C ASP A 105 -28.93 5.76 -13.75
N VAL A 106 -28.14 4.72 -13.58
CA VAL A 106 -26.87 4.84 -12.86
C VAL A 106 -25.77 4.40 -13.78
N THR A 107 -24.74 5.24 -14.00
CA THR A 107 -23.67 4.90 -14.92
C THR A 107 -22.51 4.24 -14.15
N GLN A 108 -22.08 3.08 -14.64
CA GLN A 108 -20.95 2.36 -14.02
C GLN A 108 -19.75 2.58 -14.90
N GLU A 109 -18.81 3.40 -14.41
CA GLU A 109 -17.60 3.69 -15.18
C GLU A 109 -16.48 2.77 -14.70
N PHE A 110 -15.31 2.87 -15.33
CA PHE A 110 -14.17 2.05 -14.91
C PHE A 110 -12.87 2.82 -14.99
N ILE A 111 -11.86 2.38 -14.27
CA ILE A 111 -10.52 3.03 -14.26
C ILE A 111 -9.95 3.02 -15.65
N ILE A 112 -9.52 4.13 -16.15
CA ILE A 112 -9.01 4.15 -17.50
C ILE A 112 -7.46 4.16 -17.50
N SER A 113 -6.89 3.82 -18.66
CA SER A 113 -5.46 3.76 -18.83
C SER A 113 -5.08 4.75 -19.91
N ASP A 114 -4.11 5.64 -19.68
CA ASP A 114 -3.83 6.61 -20.75
C ASP A 114 -2.43 7.16 -20.72
N ALA A 115 -1.92 7.42 -19.51
CA ALA A 115 -0.62 8.05 -19.31
C ALA A 115 -0.77 9.47 -19.88
N ASN A 116 0.33 10.15 -20.18
CA ASN A 116 0.18 11.49 -20.74
C ASN A 116 0.50 11.47 -22.23
N SER A 117 1.07 10.37 -22.73
CA SER A 117 1.41 10.26 -24.14
C SER A 117 1.68 8.83 -24.57
N THR A 118 0.65 8.11 -25.03
CA THR A 118 0.84 6.75 -25.50
C THR A 118 1.11 6.80 -27.01
N LYS A 119 2.05 7.68 -27.42
CA LYS A 119 2.43 7.80 -28.83
C LYS A 119 3.19 6.54 -29.17
N ALA A 120 2.47 5.54 -29.71
CA ALA A 120 3.04 4.22 -30.01
C ALA A 120 3.32 3.54 -28.68
N VAL A 121 4.08 2.45 -28.65
CA VAL A 121 4.35 1.80 -27.37
C VAL A 121 5.82 1.44 -27.25
N ASN A 122 6.45 1.85 -26.14
CA ASN A 122 7.87 1.59 -25.89
C ASN A 122 8.10 0.60 -24.75
N GLU A 123 7.17 0.56 -23.78
CA GLU A 123 7.27 -0.32 -22.63
C GLU A 123 5.87 -0.74 -22.23
N TYR A 124 5.71 -1.64 -21.25
CA TYR A 124 4.34 -2.00 -20.92
C TYR A 124 3.94 -1.77 -19.47
N MET A 125 3.52 -0.55 -19.15
CA MET A 125 3.03 -0.16 -17.82
C MET A 125 2.21 1.11 -18.05
N ARG A 126 0.88 0.99 -18.10
CA ARG A 126 0.05 2.17 -18.35
C ARG A 126 -0.35 2.87 -17.05
N LYS A 127 -0.38 4.23 -17.07
CA LYS A 127 -0.81 4.98 -15.90
C LYS A 127 -2.36 4.90 -15.85
N THR A 128 -2.91 4.54 -14.72
CA THR A 128 -4.36 4.42 -14.64
C THR A 128 -4.97 5.59 -13.90
N SER A 129 -6.25 5.89 -14.15
CA SER A 129 -6.86 6.96 -13.37
C SER A 129 -8.32 6.66 -13.04
N ALA A 130 -8.78 7.11 -11.84
CA ALA A 130 -10.18 6.95 -11.43
C ALA A 130 -11.01 7.69 -12.41
N PRO A 131 -12.22 7.20 -12.76
CA PRO A 131 -13.03 7.97 -13.73
C PRO A 131 -13.41 9.39 -13.19
N VAL A 132 -13.46 10.37 -14.07
CA VAL A 132 -13.79 11.74 -13.68
C VAL A 132 -15.13 12.12 -14.21
N LYS A 133 -16.00 12.65 -13.33
CA LYS A 133 -17.30 13.15 -13.78
C LYS A 133 -17.23 14.67 -13.67
N LYS A 134 -17.33 15.41 -14.76
CA LYS A 134 -17.21 16.86 -14.66
C LYS A 134 -18.61 17.53 -14.52
N LEU A 135 -18.78 18.38 -13.51
CA LEU A 135 -20.06 19.08 -13.24
C LEU A 135 -19.75 20.54 -13.35
N ALA A 136 -20.05 21.12 -14.51
CA ALA A 136 -19.65 22.50 -14.67
C ALA A 136 -20.36 23.17 -15.80
N GLY A 137 -20.49 24.50 -15.72
CA GLY A 137 -21.05 25.28 -16.82
C GLY A 137 -20.20 26.54 -17.02
N ALA A 138 -20.68 27.52 -17.81
CA ALA A 138 -19.97 28.77 -18.12
C ALA A 138 -19.67 29.62 -16.91
N THR A 139 -20.61 29.71 -15.96
CA THR A 139 -20.40 30.47 -14.74
C THR A 139 -20.81 29.63 -13.53
N ARG A 140 -20.60 30.20 -12.37
CA ARG A 140 -20.94 29.56 -11.13
C ARG A 140 -22.46 29.17 -11.14
N PHE A 141 -23.34 29.99 -11.76
CA PHE A 141 -24.78 29.68 -11.80
C PHE A 141 -25.02 28.38 -12.57
N GLU A 142 -24.38 28.21 -13.78
CA GLU A 142 -24.61 26.99 -14.54
C GLU A 142 -23.93 25.83 -13.88
N THR A 143 -22.79 26.07 -13.18
CA THR A 143 -22.16 24.95 -12.49
C THR A 143 -23.11 24.44 -11.36
N ALA A 144 -23.76 25.35 -10.61
CA ALA A 144 -24.68 24.91 -9.55
C ALA A 144 -25.83 24.06 -10.19
N VAL A 145 -26.25 24.42 -11.39
CA VAL A 145 -27.31 23.63 -12.05
C VAL A 145 -26.81 22.26 -12.40
N GLU A 146 -25.53 22.11 -12.87
CA GLU A 146 -25.10 20.76 -13.22
C GLU A 146 -25.00 19.89 -11.98
N ILE A 147 -24.69 20.50 -10.82
CA ILE A 147 -24.59 19.75 -9.56
C ILE A 147 -26.01 19.26 -9.15
N SER A 148 -26.95 20.15 -9.26
CA SER A 148 -28.36 19.90 -8.96
C SER A 148 -28.89 18.71 -9.82
N LYS A 149 -28.59 18.72 -11.13
CA LYS A 149 -29.02 17.61 -12.03
C LYS A 149 -28.38 16.34 -11.68
N GLN A 150 -27.15 16.40 -11.17
CA GLN A 150 -26.50 15.16 -10.77
C GLN A 150 -27.09 14.52 -9.56
N GLY A 151 -27.36 15.27 -8.48
CA GLY A 151 -27.83 14.56 -7.29
C GLY A 151 -29.36 14.59 -7.11
N TRP A 152 -30.03 15.40 -7.96
CA TRP A 152 -31.53 15.59 -7.82
C TRP A 152 -32.14 15.53 -9.21
N LYS A 153 -31.79 14.47 -9.96
CA LYS A 153 -32.32 14.35 -11.32
C LYS A 153 -33.85 14.19 -11.28
N ASP A 154 -34.31 13.53 -10.24
CA ASP A 154 -35.75 13.29 -10.13
C ASP A 154 -36.45 14.44 -9.41
N GLY A 155 -35.76 15.52 -9.14
CA GLY A 155 -36.42 16.68 -8.54
C GLY A 155 -36.09 16.88 -7.07
N SER A 156 -36.63 17.95 -6.47
CA SER A 156 -36.36 18.20 -5.05
C SER A 156 -37.51 19.02 -4.48
N SER A 157 -38.06 18.66 -3.30
CA SER A 157 -39.18 19.50 -2.83
C SER A 157 -38.68 20.82 -2.25
N LYS A 158 -37.42 20.89 -1.85
CA LYS A 158 -36.83 22.13 -1.34
C LYS A 158 -35.58 22.49 -2.15
N VAL A 159 -35.32 23.78 -2.28
CA VAL A 159 -34.12 24.30 -2.91
C VAL A 159 -33.61 25.41 -2.01
N VAL A 160 -32.30 25.41 -1.73
CA VAL A 160 -31.70 26.48 -0.94
C VAL A 160 -31.13 27.47 -1.91
N ILE A 161 -31.30 28.76 -1.62
CA ILE A 161 -30.76 29.75 -2.55
C ILE A 161 -29.81 30.69 -1.74
N VAL A 162 -28.70 31.00 -2.32
CA VAL A 162 -27.68 31.88 -1.71
C VAL A 162 -27.35 32.86 -2.81
N ASN A 163 -26.96 34.07 -2.45
CA ASN A 163 -26.50 35.04 -3.43
C ASN A 163 -25.21 34.57 -3.99
N GLY A 164 -25.09 34.41 -5.33
CA GLY A 164 -23.91 33.83 -5.93
C GLY A 164 -22.63 34.66 -5.91
N GLU A 165 -22.74 35.99 -5.74
CA GLU A 165 -21.53 36.83 -5.71
C GLU A 165 -21.22 37.17 -4.26
N LEU A 166 -22.08 36.81 -3.30
CA LEU A 166 -21.78 36.98 -1.89
C LEU A 166 -21.76 35.58 -1.33
N ALA A 167 -21.15 34.66 -2.04
CA ALA A 167 -21.18 33.28 -1.58
C ALA A 167 -20.65 33.07 -0.14
N ALA A 168 -19.71 33.92 0.34
CA ALA A 168 -19.15 33.73 1.69
C ALA A 168 -20.24 33.69 2.72
N ASP A 169 -21.40 34.24 2.36
CA ASP A 169 -22.53 34.25 3.26
C ASP A 169 -23.21 32.89 3.36
N GLY A 170 -23.17 32.08 2.30
CA GLY A 170 -23.81 30.78 2.37
C GLY A 170 -22.86 29.68 2.80
N ILE A 171 -21.71 30.06 3.41
CA ILE A 171 -20.75 29.07 3.80
C ILE A 171 -21.25 28.16 4.93
N THR A 172 -22.32 28.48 5.64
CA THR A 172 -22.76 27.52 6.68
C THR A 172 -24.10 26.86 6.18
N ALA A 173 -24.48 27.12 4.93
CA ALA A 173 -25.72 26.56 4.33
C ALA A 173 -25.62 25.09 4.02
N THR A 174 -24.38 24.50 3.80
CA THR A 174 -24.36 23.08 3.41
C THR A 174 -24.96 22.14 4.38
N PRO A 175 -24.71 22.25 5.71
CA PRO A 175 -25.35 21.29 6.64
C PRO A 175 -26.90 21.36 6.64
N LEU A 176 -27.43 22.56 6.39
CA LEU A 176 -28.90 22.68 6.33
C LEU A 176 -29.41 22.09 5.00
N ALA A 177 -28.77 22.47 3.85
CA ALA A 177 -29.17 21.85 2.60
C ALA A 177 -29.10 20.33 2.70
N SER A 178 -28.10 19.79 3.40
CA SER A 178 -27.97 18.35 3.56
C SER A 178 -29.07 17.81 4.45
N THR A 179 -29.47 18.56 5.49
CA THR A 179 -30.56 18.10 6.34
C THR A 179 -31.87 18.04 5.52
N TYR A 180 -32.07 19.01 4.61
CA TYR A 180 -33.24 18.97 3.74
C TYR A 180 -33.06 17.98 2.55
N ASP A 181 -31.83 17.57 2.28
CA ASP A 181 -31.46 16.75 1.10
C ASP A 181 -31.89 17.60 -0.12
N ALA A 182 -31.31 18.80 -0.20
CA ALA A 182 -31.63 19.76 -1.23
C ALA A 182 -30.38 20.36 -1.86
N PRO A 183 -30.47 20.77 -3.11
CA PRO A 183 -29.32 21.41 -3.73
C PRO A 183 -29.33 22.93 -3.37
N ILE A 184 -28.20 23.57 -3.57
CA ILE A 184 -28.10 25.00 -3.40
C ILE A 184 -28.00 25.58 -4.82
N LEU A 185 -28.90 26.49 -5.18
CA LEU A 185 -28.78 27.16 -6.48
C LEU A 185 -28.46 28.66 -6.15
N LEU A 186 -28.09 29.41 -7.16
CA LEU A 186 -27.64 30.77 -6.90
C LEU A 186 -28.49 31.88 -7.50
N ALA A 187 -28.60 32.99 -6.74
CA ALA A 187 -29.35 34.17 -7.14
C ALA A 187 -28.42 35.42 -7.13
N ASN A 188 -28.93 36.52 -7.70
CA ASN A 188 -28.29 37.82 -7.63
C ASN A 188 -29.13 38.53 -6.59
N LYS A 189 -28.73 39.72 -6.15
CA LYS A 189 -29.51 40.35 -5.10
C LYS A 189 -30.93 40.67 -5.50
N ASP A 190 -31.14 41.07 -6.76
CA ASP A 190 -32.50 41.46 -7.16
C ASP A 190 -33.08 40.65 -8.33
N ASP A 191 -32.41 39.59 -8.77
CA ASP A 191 -32.94 38.76 -9.88
C ASP A 191 -32.35 37.35 -9.83
N ILE A 192 -32.88 36.44 -10.64
CA ILE A 192 -32.24 35.15 -10.77
C ILE A 192 -31.99 35.00 -12.22
N PRO A 193 -30.82 34.47 -12.63
CA PRO A 193 -30.58 34.32 -14.06
C PRO A 193 -31.42 33.16 -14.64
N GLU A 194 -31.46 33.07 -15.96
CA GLU A 194 -32.23 32.08 -16.63
C GLU A 194 -31.83 30.65 -16.24
N SER A 195 -30.52 30.40 -16.06
CA SER A 195 -30.01 29.10 -15.68
C SER A 195 -30.72 28.70 -14.34
N THR A 196 -30.75 29.55 -13.32
CA THR A 196 -31.40 29.20 -12.04
C THR A 196 -32.96 29.06 -12.23
N LYS A 197 -33.57 29.99 -12.99
CA LYS A 197 -35.02 29.93 -13.23
C LYS A 197 -35.39 28.58 -13.87
N ALA A 198 -34.64 28.10 -14.87
CA ALA A 198 -35.00 26.86 -15.54
C ALA A 198 -34.78 25.66 -14.64
N GLU A 199 -33.72 25.70 -13.78
CA GLU A 199 -33.51 24.52 -12.94
C GLU A 199 -34.56 24.49 -11.81
N LEU A 200 -34.95 25.68 -11.25
CA LEU A 200 -36.00 25.70 -10.26
C LEU A 200 -37.28 25.07 -10.93
N LYS A 201 -37.58 25.44 -12.17
CA LYS A 201 -38.76 24.82 -12.80
C LYS A 201 -38.62 23.29 -12.96
N ARG A 202 -37.44 22.87 -13.38
CA ARG A 202 -37.22 21.43 -13.59
C ARG A 202 -37.33 20.64 -12.27
N LEU A 203 -36.78 21.19 -11.17
CA LEU A 203 -36.83 20.47 -9.85
C LEU A 203 -38.24 20.41 -9.28
N ASN A 204 -39.11 21.32 -9.71
CA ASN A 204 -40.52 21.44 -9.25
C ASN A 204 -40.61 21.44 -7.69
N PRO A 205 -39.88 22.32 -7.04
CA PRO A 205 -39.95 22.31 -5.55
C PRO A 205 -41.25 22.91 -5.06
N SER A 206 -41.54 22.66 -3.80
CA SER A 206 -42.69 23.25 -3.07
C SER A 206 -42.15 24.43 -2.24
N ASP A 207 -40.84 24.41 -1.90
CA ASP A 207 -40.32 25.45 -0.98
C ASP A 207 -38.93 25.89 -1.36
N VAL A 208 -38.65 27.17 -1.31
CA VAL A 208 -37.30 27.70 -1.51
C VAL A 208 -36.89 28.34 -0.15
N ILE A 209 -35.65 28.06 0.29
CA ILE A 209 -35.15 28.57 1.56
C ILE A 209 -34.00 29.48 1.16
N ILE A 210 -34.18 30.77 1.43
CA ILE A 210 -33.17 31.75 1.14
C ILE A 210 -32.28 31.95 2.38
N ILE A 211 -30.97 31.95 2.18
CA ILE A 211 -30.02 32.16 3.28
C ILE A 211 -29.51 33.58 3.07
N GLY A 212 -29.68 34.43 4.08
CA GLY A 212 -29.25 35.82 3.92
C GLY A 212 -30.44 36.74 4.16
N ASP A 213 -30.19 37.95 4.66
CA ASP A 213 -31.33 38.87 4.90
C ASP A 213 -31.66 39.60 3.56
N ASP A 214 -32.67 40.51 3.52
CA ASP A 214 -33.04 41.12 2.23
C ASP A 214 -31.96 41.93 1.61
N GLY A 215 -30.93 42.25 2.40
CA GLY A 215 -29.80 42.97 1.83
C GLY A 215 -29.00 42.07 0.91
N SER A 216 -29.03 40.73 1.19
CA SER A 216 -28.29 39.74 0.37
C SER A 216 -29.14 39.27 -0.82
N VAL A 217 -30.36 38.87 -0.53
CA VAL A 217 -31.32 38.44 -1.55
C VAL A 217 -32.63 39.18 -1.23
N SER A 218 -32.98 40.13 -2.07
CA SER A 218 -34.12 41.03 -1.84
C SER A 218 -35.48 40.48 -2.27
N GLN A 219 -36.53 41.24 -1.97
CA GLN A 219 -37.88 40.88 -2.37
C GLN A 219 -37.95 40.85 -3.90
N LYS A 220 -37.08 41.61 -4.58
CA LYS A 220 -37.16 41.59 -6.03
C LYS A 220 -36.72 40.22 -6.52
N ALA A 221 -35.69 39.64 -5.87
CA ALA A 221 -35.31 38.29 -6.28
C ALA A 221 -36.42 37.34 -5.83
N VAL A 222 -37.04 37.56 -4.67
CA VAL A 222 -38.09 36.67 -4.25
C VAL A 222 -39.18 36.65 -5.33
N SER A 223 -39.56 37.82 -5.92
CA SER A 223 -40.61 37.77 -6.93
C SER A 223 -40.18 37.06 -8.12
N GLN A 224 -38.94 37.19 -8.55
CA GLN A 224 -38.57 36.43 -9.76
C GLN A 224 -38.55 34.90 -9.50
N ILE A 225 -38.23 34.50 -8.26
CA ILE A 225 -38.23 33.07 -7.95
C ILE A 225 -39.69 32.59 -8.03
N LYS A 226 -40.63 33.33 -7.40
CA LYS A 226 -42.04 32.85 -7.43
C LYS A 226 -42.61 32.90 -8.85
N SER A 227 -42.06 33.75 -9.73
CA SER A 227 -42.56 33.76 -11.10
C SER A 227 -42.11 32.54 -11.77
N ALA A 228 -40.96 32.02 -11.37
CA ALA A 228 -40.51 30.80 -12.00
C ALA A 228 -41.33 29.62 -11.50
N VAL A 229 -41.48 29.48 -10.17
CA VAL A 229 -42.23 28.38 -9.56
C VAL A 229 -42.88 29.01 -8.36
N ASN A 230 -44.22 28.88 -8.20
CA ASN A 230 -44.92 29.56 -7.12
C ASN A 230 -44.76 28.86 -5.80
N VAL A 231 -43.50 28.82 -5.32
CA VAL A 231 -43.20 28.15 -4.05
C VAL A 231 -43.45 29.02 -2.81
N ASN A 232 -43.45 28.36 -1.64
CA ASN A 232 -43.42 29.05 -0.37
C ASN A 232 -41.98 29.46 -0.17
N VAL A 233 -41.72 30.71 0.17
CA VAL A 233 -40.34 31.12 0.37
C VAL A 233 -40.02 31.31 1.86
N THR A 234 -39.08 30.53 2.42
CA THR A 234 -38.67 30.68 3.83
C THR A 234 -37.42 31.49 3.82
N ARG A 235 -37.15 32.26 4.87
CA ARG A 235 -35.90 33.04 4.86
C ARG A 235 -35.24 32.86 6.21
N ILE A 236 -33.95 32.61 6.19
CA ILE A 236 -33.14 32.40 7.41
C ILE A 236 -32.00 33.35 7.20
N GLY A 237 -31.92 34.41 8.03
CA GLY A 237 -30.85 35.39 7.85
C GLY A 237 -30.84 36.30 9.07
N GLY A 238 -29.67 36.47 9.69
CA GLY A 238 -29.57 37.31 10.87
C GLY A 238 -28.85 38.59 10.52
N VAL A 239 -28.45 39.37 11.58
CA VAL A 239 -27.76 40.67 11.42
C VAL A 239 -26.37 40.52 10.81
N ASP A 240 -25.72 39.37 11.04
CA ASP A 240 -24.38 39.15 10.53
C ASP A 240 -24.19 37.63 10.34
N ARG A 241 -23.07 37.20 9.84
CA ARG A 241 -22.76 35.76 9.62
C ARG A 241 -22.90 34.96 10.88
N HIS A 242 -22.51 35.51 12.06
CA HIS A 242 -22.56 34.68 13.27
C HIS A 242 -23.95 34.36 13.61
N GLU A 243 -24.88 35.36 13.54
CA GLU A 243 -26.26 35.08 13.90
C GLU A 243 -26.92 34.15 12.83
N THR A 244 -26.64 34.38 11.57
CA THR A 244 -27.19 33.48 10.55
C THR A 244 -26.75 32.02 10.80
N SER A 245 -25.46 31.78 11.21
CA SER A 245 -25.03 30.40 11.47
C SER A 245 -25.80 29.88 12.65
N LEU A 246 -26.12 30.78 13.63
CA LEU A 246 -26.93 30.32 14.77
C LEU A 246 -28.34 29.99 14.29
N LEU A 247 -28.92 30.84 13.45
CA LEU A 247 -30.31 30.58 12.99
C LEU A 247 -30.37 29.29 12.15
N ILE A 248 -29.30 29.01 11.39
CA ILE A 248 -29.26 27.75 10.61
C ILE A 248 -29.19 26.58 11.57
N ALA A 249 -28.37 26.73 12.62
CA ALA A 249 -28.27 25.65 13.60
C ALA A 249 -29.64 25.39 14.26
N LYS A 250 -30.40 26.46 14.59
CA LYS A 250 -31.71 26.23 15.21
C LYS A 250 -32.67 25.56 14.22
N GLU A 251 -32.50 25.88 12.92
CA GLU A 251 -33.37 25.25 11.92
C GLU A 251 -33.04 23.74 11.84
N ILE A 252 -31.71 23.39 11.84
CA ILE A 252 -31.38 21.97 11.81
C ILE A 252 -31.98 21.26 13.04
N ASP A 253 -31.92 21.92 14.20
CA ASP A 253 -32.43 21.33 15.44
C ASP A 253 -33.97 21.01 15.38
N LYS A 254 -34.69 21.60 14.43
CA LYS A 254 -36.13 21.28 14.27
C LYS A 254 -36.27 19.92 13.61
N TYR A 255 -35.19 19.44 12.92
CA TYR A 255 -35.24 18.12 12.24
C TYR A 255 -34.66 17.01 13.08
N HIS A 256 -33.51 17.27 13.75
CA HIS A 256 -32.91 16.25 14.61
C HIS A 256 -32.03 17.00 15.60
N ASP A 257 -31.63 16.34 16.67
CA ASP A 257 -30.87 17.08 17.67
C ASP A 257 -29.51 17.59 17.22
N VAL A 258 -29.22 18.81 17.54
CA VAL A 258 -27.90 19.32 17.31
C VAL A 258 -27.05 18.93 18.54
N ASN A 259 -26.03 18.08 18.37
CA ASN A 259 -25.19 17.72 19.51
C ASN A 259 -23.69 17.80 19.20
N LYS A 260 -23.35 18.31 18.02
CA LYS A 260 -21.96 18.45 17.63
C LYS A 260 -21.83 19.76 16.84
N ILE A 261 -20.74 20.52 17.03
CA ILE A 261 -20.58 21.72 16.24
C ILE A 261 -19.14 21.78 15.69
N TYR A 262 -19.01 22.41 14.53
CA TYR A 262 -17.73 22.62 13.90
C TYR A 262 -17.63 24.13 13.91
N ILE A 263 -16.62 24.68 14.64
CA ILE A 263 -16.49 26.14 14.74
C ILE A 263 -15.45 26.70 13.79
N ALA A 264 -15.75 27.81 13.17
CA ALA A 264 -14.77 28.51 12.32
C ALA A 264 -14.91 30.01 12.64
N ASN A 265 -13.85 30.79 12.36
CA ASN A 265 -13.90 32.25 12.59
C ASN A 265 -14.77 32.84 11.45
N GLY A 266 -15.88 33.52 11.80
CA GLY A 266 -16.82 34.03 10.81
C GLY A 266 -16.20 34.88 9.74
N TYR A 267 -15.39 35.89 10.14
CA TYR A 267 -14.84 36.80 9.14
C TYR A 267 -13.38 36.46 8.78
N ALA A 268 -12.66 35.79 9.65
CA ALA A 268 -11.29 35.51 9.25
C ALA A 268 -11.11 34.02 8.86
N GLY A 269 -12.19 33.18 8.94
CA GLY A 269 -11.99 31.78 8.60
C GLY A 269 -12.99 31.27 7.59
N GLU A 270 -13.17 32.04 6.53
CA GLU A 270 -14.10 31.65 5.48
C GLU A 270 -13.66 30.31 4.86
N TYR A 271 -12.33 30.15 4.58
CA TYR A 271 -11.86 28.88 4.01
C TYR A 271 -11.85 27.80 5.07
N ASP A 272 -11.77 28.14 6.34
CA ASP A 272 -11.88 27.11 7.38
C ASP A 272 -13.33 26.53 7.32
N ALA A 273 -14.33 27.45 7.23
CA ALA A 273 -15.74 27.04 7.18
C ALA A 273 -15.94 26.17 5.88
N LEU A 274 -15.46 26.65 4.76
CA LEU A 274 -15.59 25.91 3.51
C LEU A 274 -14.93 24.55 3.60
N ASN A 275 -13.70 24.50 4.16
CA ASN A 275 -13.01 23.21 4.26
C ASN A 275 -13.75 22.16 5.11
N ILE A 276 -14.55 22.56 6.17
CA ILE A 276 -15.23 21.53 6.98
C ILE A 276 -16.71 21.30 6.50
N SER A 277 -17.13 22.04 5.47
CA SER A 277 -18.51 22.00 4.96
C SER A 277 -18.99 20.60 4.55
N SER A 278 -18.15 19.85 3.82
CA SER A 278 -18.66 18.56 3.38
C SER A 278 -18.81 17.65 4.57
N LYS A 279 -18.00 17.81 5.57
CA LYS A 279 -18.07 16.89 6.69
C LYS A 279 -19.28 17.27 7.61
N ALA A 280 -19.39 18.57 7.91
CA ALA A 280 -20.53 19.07 8.68
C ALA A 280 -21.85 18.64 7.91
N GLY A 281 -21.79 18.69 6.53
CA GLY A 281 -22.98 18.31 5.75
C GLY A 281 -23.28 16.83 5.87
N GLU A 282 -22.28 15.99 5.81
CA GLU A 282 -22.51 14.53 5.93
C GLU A 282 -23.07 14.21 7.33
N ASP A 283 -22.57 14.89 8.36
CA ASP A 283 -23.06 14.66 9.73
C ASP A 283 -24.39 15.37 9.98
N GLN A 284 -24.76 16.35 9.11
CA GLN A 284 -25.96 17.19 9.31
C GLN A 284 -25.87 17.85 10.67
N GLN A 285 -24.69 18.39 10.98
CA GLN A 285 -24.51 19.10 12.27
C GLN A 285 -23.97 20.44 11.84
N PRO A 286 -24.34 21.50 12.56
CA PRO A 286 -23.89 22.82 12.11
C PRO A 286 -22.46 23.32 12.23
N ILE A 287 -22.19 24.26 11.34
CA ILE A 287 -20.94 25.04 11.39
C ILE A 287 -21.34 26.31 12.16
N ILE A 288 -20.65 26.58 13.27
CA ILE A 288 -20.97 27.72 14.11
C ILE A 288 -19.88 28.71 13.87
N LEU A 289 -20.25 29.91 13.46
CA LEU A 289 -19.24 30.91 13.22
C LEU A 289 -18.97 31.76 14.50
N ALA A 290 -17.72 32.02 14.77
CA ALA A 290 -17.31 32.70 16.01
C ALA A 290 -16.33 33.84 15.77
N ASN A 291 -16.03 34.54 16.91
CA ASN A 291 -14.99 35.56 16.93
C ASN A 291 -13.72 34.81 17.39
N LYS A 292 -12.58 35.46 17.36
CA LYS A 292 -11.35 34.81 17.77
C LYS A 292 -11.38 34.25 19.19
N ASP A 293 -11.93 35.00 20.18
CA ASP A 293 -11.92 34.47 21.55
C ASP A 293 -13.23 33.98 22.07
N SER A 294 -14.31 34.04 21.32
CA SER A 294 -15.55 33.53 21.91
C SER A 294 -16.64 33.44 20.82
N VAL A 295 -17.67 32.66 21.07
CA VAL A 295 -18.82 32.75 20.16
C VAL A 295 -19.67 33.92 20.76
N PRO A 296 -20.52 34.62 20.01
CA PRO A 296 -21.36 35.72 20.57
C PRO A 296 -22.26 35.17 21.65
N GLN A 297 -22.77 36.06 22.53
CA GLN A 297 -23.57 35.60 23.65
C GLN A 297 -24.81 34.83 23.26
N GLY A 298 -25.51 35.28 22.21
CA GLY A 298 -26.72 34.58 21.81
C GLY A 298 -26.41 33.14 21.43
N THR A 299 -25.33 32.95 20.67
CA THR A 299 -24.90 31.58 20.28
C THR A 299 -24.56 30.78 21.52
N TYR A 300 -23.74 31.39 22.40
CA TYR A 300 -23.35 30.72 23.64
C TYR A 300 -24.57 30.29 24.44
N ASN A 301 -25.60 31.17 24.59
CA ASN A 301 -26.75 30.76 25.41
C ASN A 301 -27.49 29.60 24.82
N TRP A 302 -27.64 29.58 23.50
CA TRP A 302 -28.37 28.44 22.87
C TRP A 302 -27.50 27.17 22.96
N LEU A 303 -26.21 27.26 22.61
CA LEU A 303 -25.34 26.06 22.68
C LEU A 303 -25.30 25.51 24.11
N SER A 304 -25.31 26.42 25.13
CA SER A 304 -25.25 25.94 26.51
C SER A 304 -26.44 25.06 26.80
N SER A 305 -27.60 25.36 26.20
CA SER A 305 -28.77 24.53 26.48
C SER A 305 -28.91 23.32 25.53
N GLN A 306 -28.00 23.13 24.58
CA GLN A 306 -28.10 21.98 23.67
C GLN A 306 -27.51 20.72 24.20
N GLY A 307 -26.70 20.77 25.27
CA GLY A 307 -26.06 19.54 25.74
C GLY A 307 -25.13 18.97 24.66
N LEU A 308 -24.24 19.79 24.12
CA LEU A 308 -23.32 19.34 23.08
C LEU A 308 -22.45 18.16 23.50
N GLU A 309 -22.30 17.20 22.61
CA GLU A 309 -21.44 16.08 22.86
C GLU A 309 -20.04 16.40 22.37
N GLU A 310 -19.90 17.17 21.26
CA GLU A 310 -18.57 17.38 20.67
C GLU A 310 -18.48 18.73 20.02
N ALA A 311 -17.30 19.39 20.12
CA ALA A 311 -17.04 20.66 19.43
C ALA A 311 -15.67 20.53 18.76
N TYR A 312 -15.57 20.96 17.53
CA TYR A 312 -14.31 20.93 16.79
C TYR A 312 -13.99 22.32 16.41
N TYR A 313 -12.70 22.67 16.33
CA TYR A 313 -12.25 24.01 15.99
C TYR A 313 -11.45 23.97 14.70
N ILE A 314 -11.92 24.62 13.65
CA ILE A 314 -11.21 24.57 12.38
C ILE A 314 -10.51 25.90 12.22
N GLY A 315 -9.20 25.93 12.28
CA GLY A 315 -8.51 27.23 12.20
C GLY A 315 -7.35 27.24 13.21
N GLY A 316 -6.30 28.02 12.93
CA GLY A 316 -5.16 28.10 13.86
C GLY A 316 -5.45 29.05 15.01
N SER A 317 -4.44 29.23 15.88
CA SER A 317 -4.46 30.08 17.09
C SER A 317 -4.83 31.52 16.83
N GLN A 318 -4.44 32.01 15.68
CA GLN A 318 -4.75 33.37 15.33
C GLN A 318 -6.20 33.54 14.93
N SER A 319 -6.91 32.44 14.57
CA SER A 319 -8.32 32.55 14.18
C SER A 319 -9.23 32.18 15.29
N LEU A 320 -8.83 31.14 16.08
CA LEU A 320 -9.62 30.63 17.23
C LEU A 320 -8.61 30.46 18.32
N SER A 321 -8.66 31.32 19.36
CA SER A 321 -7.59 31.23 20.38
C SER A 321 -7.96 30.22 21.45
N SER A 322 -7.05 30.02 22.45
CA SER A 322 -7.33 29.10 23.55
C SER A 322 -8.53 29.60 24.36
N LYS A 323 -8.88 30.89 24.24
CA LYS A 323 -10.01 31.41 25.01
C LYS A 323 -11.33 30.83 24.48
N ILE A 324 -11.49 30.69 23.14
CA ILE A 324 -12.79 30.11 22.70
C ILE A 324 -12.78 28.62 23.00
N ILE A 325 -11.62 27.93 22.95
CA ILE A 325 -11.64 26.51 23.31
C ILE A 325 -12.04 26.35 24.79
N ASP A 326 -11.54 27.22 25.65
CA ASP A 326 -11.90 27.18 27.05
C ASP A 326 -13.39 27.39 27.22
N GLN A 327 -13.96 28.40 26.53
CA GLN A 327 -15.39 28.71 26.61
C GLN A 327 -16.24 27.51 26.20
N ILE A 328 -15.93 26.93 25.03
CA ILE A 328 -16.73 25.84 24.50
C ILE A 328 -16.45 24.52 25.17
N SER A 329 -15.17 24.27 25.52
CA SER A 329 -14.86 23.06 26.24
C SER A 329 -15.72 22.94 27.50
N LYS A 330 -16.03 24.07 28.14
CA LYS A 330 -16.83 24.06 29.39
C LYS A 330 -18.30 23.66 29.16
N ILE A 331 -18.80 23.83 27.91
CA ILE A 331 -20.21 23.47 27.67
C ILE A 331 -20.37 22.26 26.70
N ALA A 332 -19.26 21.64 26.22
CA ALA A 332 -19.37 20.46 25.36
C ALA A 332 -18.74 19.25 26.11
N LYS A 333 -19.22 18.02 25.94
CA LYS A 333 -18.61 16.92 26.65
C LYS A 333 -17.19 16.71 26.16
N ASN A 334 -16.96 16.88 24.84
N ASN A 334 -16.98 16.88 24.86
CA ASN A 334 -15.63 16.67 24.24
CA ASN A 334 -15.65 16.70 24.28
C ASN A 334 -15.31 17.85 23.32
C ASN A 334 -15.32 17.89 23.37
N GLY A 335 -14.69 18.89 23.88
CA GLY A 335 -14.39 20.11 23.13
C GLY A 335 -13.03 20.68 23.49
N THR A 336 -12.03 19.81 23.77
CA THR A 336 -10.70 20.32 24.11
C THR A 336 -9.92 20.64 22.86
N SER A 337 -8.70 21.18 23.06
CA SER A 337 -7.82 21.59 21.96
C SER A 337 -7.42 20.44 21.12
N LYS A 338 -7.61 19.22 21.60
CA LYS A 338 -7.31 18.05 20.80
C LYS A 338 -8.20 18.06 19.49
N ASN A 339 -9.32 18.79 19.55
CA ASN A 339 -10.28 18.82 18.44
C ASN A 339 -10.00 19.97 17.50
N ARG A 340 -8.83 20.61 17.63
CA ARG A 340 -8.49 21.65 16.68
C ARG A 340 -7.87 21.08 15.40
N VAL A 341 -8.25 21.57 14.24
CA VAL A 341 -7.65 21.10 13.01
C VAL A 341 -7.23 22.37 12.28
N SER A 342 -5.99 22.48 11.87
CA SER A 342 -5.63 23.75 11.21
C SER A 342 -4.65 23.53 10.10
N GLY A 343 -3.99 24.59 9.64
CA GLY A 343 -3.05 24.45 8.53
C GLY A 343 -2.43 25.81 8.25
N ALA A 344 -1.26 25.82 7.60
CA ALA A 344 -0.55 27.05 7.25
C ALA A 344 -1.37 27.89 6.30
N ASP A 345 -2.20 27.23 5.46
CA ASP A 345 -3.02 27.96 4.55
C ASP A 345 -4.30 27.11 4.15
N ARG A 346 -5.11 27.60 3.21
CA ARG A 346 -6.39 26.92 2.86
C ARG A 346 -6.12 25.49 2.34
N HIS A 347 -4.95 25.23 1.67
CA HIS A 347 -4.70 23.91 1.12
C HIS A 347 -4.25 22.98 2.16
N GLU A 348 -3.31 23.42 3.07
CA GLU A 348 -2.94 22.53 4.17
C GLU A 348 -4.12 22.29 5.05
N THR A 349 -4.97 23.29 5.27
CA THR A 349 -6.11 23.00 6.16
C THR A 349 -7.11 21.97 5.45
N ASN A 350 -7.28 22.15 4.14
CA ASN A 350 -8.12 21.18 3.39
C ASN A 350 -7.55 19.77 3.54
N ALA A 351 -6.18 19.62 3.39
CA ALA A 351 -5.59 18.28 3.52
C ALA A 351 -5.72 17.76 4.93
N ASN A 352 -5.59 18.63 5.97
CA ASN A 352 -5.70 18.09 7.34
C ASN A 352 -7.15 17.71 7.67
N VAL A 353 -8.12 18.45 7.12
CA VAL A 353 -9.53 18.05 7.37
C VAL A 353 -9.77 16.68 6.70
N ILE A 354 -9.31 16.53 5.44
CA ILE A 354 -9.50 15.22 4.79
C ILE A 354 -8.79 14.15 5.61
N LYS A 355 -7.54 14.41 6.04
CA LYS A 355 -6.87 13.38 6.83
C LYS A 355 -7.59 13.05 8.12
N THR A 356 -8.11 14.06 8.80
CA THR A 356 -8.74 13.81 10.10
C THR A 356 -10.16 13.29 10.03
N PHE A 357 -10.98 13.87 9.18
CA PHE A 357 -12.42 13.53 9.12
C PHE A 357 -12.80 12.52 8.08
N TYR A 358 -11.89 12.14 7.17
CA TYR A 358 -12.16 11.10 6.15
C TYR A 358 -10.93 10.11 6.27
N PRO A 359 -10.78 9.44 7.40
CA PRO A 359 -9.70 8.50 7.67
C PRO A 359 -9.66 7.26 6.80
N ASP A 360 -10.78 6.84 6.24
CA ASP A 360 -10.75 5.65 5.42
C ASP A 360 -9.74 5.75 4.28
N LYS A 361 -9.02 4.63 3.99
CA LYS A 361 -8.10 4.65 2.86
C LYS A 361 -8.83 4.52 1.54
N GLU A 362 -10.08 4.05 1.53
CA GLU A 362 -10.83 3.94 0.26
C GLU A 362 -12.06 4.85 0.32
N LEU A 363 -12.04 5.93 -0.41
CA LEU A 363 -13.18 6.84 -0.36
C LEU A 363 -14.19 6.44 -1.44
N SER A 364 -15.45 6.79 -1.27
CA SER A 364 -16.42 6.49 -2.32
C SER A 364 -16.24 7.52 -3.45
N ALA A 365 -15.71 8.71 -3.13
CA ALA A 365 -15.53 9.72 -4.16
C ALA A 365 -14.67 10.85 -3.68
N MET A 366 -14.28 11.75 -4.59
CA MET A 366 -13.54 12.96 -4.19
C MET A 366 -14.04 13.99 -5.04
N LEU A 367 -14.54 15.10 -4.47
CA LEU A 367 -15.03 16.18 -5.32
C LEU A 367 -13.94 17.24 -5.38
N VAL A 368 -13.57 17.71 -6.58
CA VAL A 368 -12.42 18.63 -6.67
C VAL A 368 -12.82 19.98 -7.17
N ALA A 369 -12.64 21.03 -6.34
CA ALA A 369 -13.00 22.38 -6.71
C ALA A 369 -11.74 23.29 -6.69
N LYS A 370 -11.82 24.38 -7.45
CA LYS A 370 -10.76 25.36 -7.51
C LYS A 370 -10.68 26.05 -6.18
N SER A 371 -9.49 26.35 -5.64
CA SER A 371 -9.44 26.98 -4.32
C SER A 371 -9.47 28.49 -4.39
N ASP A 372 -9.52 29.07 -5.59
CA ASP A 372 -9.53 30.55 -5.66
C ASP A 372 -10.91 31.16 -5.49
N ILE A 373 -11.95 30.37 -5.49
CA ILE A 373 -13.26 30.97 -5.29
C ILE A 373 -13.93 30.23 -4.16
N ILE A 374 -14.95 30.78 -3.60
CA ILE A 374 -15.61 30.06 -2.52
C ILE A 374 -16.89 29.34 -3.03
N VAL A 375 -17.59 29.96 -4.00
CA VAL A 375 -18.93 29.49 -4.36
C VAL A 375 -18.98 28.07 -4.91
N ASP A 376 -17.98 27.60 -5.68
CA ASP A 376 -18.11 26.25 -6.25
C ASP A 376 -18.09 25.22 -5.13
N SER A 377 -17.32 25.48 -4.04
CA SER A 377 -17.28 24.49 -2.95
C SER A 377 -18.61 24.55 -2.19
N ILE A 378 -19.22 25.74 -2.13
CA ILE A 378 -20.52 25.85 -1.44
C ILE A 378 -21.60 25.05 -2.23
N THR A 379 -21.66 25.24 -3.56
CA THR A 379 -22.71 24.50 -4.28
C THR A 379 -22.37 23.00 -4.35
N ALA A 380 -21.10 22.62 -4.31
CA ALA A 380 -20.77 21.18 -4.33
C ALA A 380 -21.07 20.56 -3.00
N GLY A 381 -21.12 21.38 -1.94
CA GLY A 381 -21.28 20.82 -0.59
C GLY A 381 -22.42 19.86 -0.38
N PRO A 382 -23.66 20.21 -0.80
CA PRO A 382 -24.83 19.30 -0.61
C PRO A 382 -24.63 17.92 -1.30
N LEU A 383 -23.96 17.98 -2.44
CA LEU A 383 -23.70 16.73 -3.19
C LEU A 383 -22.62 15.93 -2.54
N ALA A 384 -21.53 16.61 -2.09
CA ALA A 384 -20.47 15.90 -1.36
C ALA A 384 -21.10 15.25 -0.09
N ALA A 385 -21.99 16.00 0.59
CA ALA A 385 -22.60 15.43 1.80
C ALA A 385 -23.49 14.17 1.44
N LYS A 386 -24.27 14.27 0.39
CA LYS A 386 -25.15 13.14 -0.07
C LYS A 386 -24.25 11.88 -0.40
N LEU A 387 -23.15 12.12 -1.08
CA LEU A 387 -22.21 11.04 -1.46
C LEU A 387 -21.32 10.59 -0.30
N LYS A 388 -21.34 11.33 0.85
CA LYS A 388 -20.52 11.08 2.03
C LYS A 388 -19.03 11.04 1.60
N ALA A 389 -18.64 12.06 0.87
CA ALA A 389 -17.32 12.21 0.26
C ALA A 389 -16.75 13.63 0.52
N PRO A 390 -15.44 13.78 0.55
CA PRO A 390 -14.82 15.08 0.79
C PRO A 390 -14.69 15.96 -0.42
N ILE A 391 -14.56 17.27 -0.15
CA ILE A 391 -14.24 18.20 -1.21
C ILE A 391 -12.72 18.52 -1.05
N LEU A 392 -11.97 18.38 -2.12
CA LEU A 392 -10.55 18.76 -2.17
C LEU A 392 -10.47 20.05 -2.91
N ILE A 393 -9.71 21.06 -2.39
CA ILE A 393 -9.57 22.28 -3.15
C ILE A 393 -8.09 22.44 -3.56
N THR A 394 -7.85 23.00 -4.74
CA THR A 394 -6.47 23.18 -5.19
C THR A 394 -6.53 24.22 -6.25
N PRO A 395 -5.40 24.90 -6.50
CA PRO A 395 -5.50 25.93 -7.54
C PRO A 395 -5.72 25.33 -8.94
N LYS A 396 -6.11 26.17 -9.88
CA LYS A 396 -6.41 25.69 -11.24
C LYS A 396 -5.19 25.09 -11.94
N THR A 397 -3.96 25.59 -11.64
CA THR A 397 -2.80 25.12 -12.40
C THR A 397 -1.89 24.15 -11.70
N TYR A 398 -2.10 23.76 -10.43
CA TYR A 398 -1.24 22.73 -9.87
C TYR A 398 -1.89 22.00 -8.71
N VAL A 399 -1.43 20.82 -8.43
CA VAL A 399 -1.92 20.09 -7.28
C VAL A 399 -1.12 20.61 -6.09
N SER A 400 -1.77 21.16 -5.10
CA SER A 400 -1.03 21.59 -3.94
C SER A 400 -0.20 20.47 -3.30
N ALA A 401 1.06 20.83 -2.87
CA ALA A 401 1.94 19.85 -2.24
C ALA A 401 1.38 19.30 -0.96
N TYR A 402 0.50 20.05 -0.29
CA TYR A 402 -0.05 19.55 1.00
C TYR A 402 -0.98 18.33 0.77
N HIS A 403 -1.46 18.14 -0.47
CA HIS A 403 -2.33 16.97 -0.79
C HIS A 403 -1.54 15.73 -1.11
N SER A 404 -0.19 15.83 -1.21
CA SER A 404 0.56 14.66 -1.68
C SER A 404 0.34 13.42 -0.93
N THR A 405 0.42 13.47 0.37
CA THR A 405 0.25 12.25 1.15
C THR A 405 -1.14 11.60 1.06
N ASN A 406 -2.20 12.41 1.27
CA ASN A 406 -3.56 11.89 1.17
C ASN A 406 -3.78 11.31 -0.26
N LEU A 407 -3.37 12.04 -1.33
CA LEU A 407 -3.63 11.54 -2.70
C LEU A 407 -2.85 10.19 -2.93
N SER A 408 -1.61 10.12 -2.45
CA SER A 408 -0.86 8.86 -2.54
C SER A 408 -1.50 7.75 -1.76
N GLU A 409 -1.78 7.94 -0.50
CA GLU A 409 -2.28 6.80 0.27
C GLU A 409 -3.68 6.33 -0.06
N LYS A 410 -4.59 7.27 -0.38
CA LYS A 410 -6.01 6.84 -0.57
C LYS A 410 -6.39 6.53 -1.99
N THR A 411 -7.58 5.93 -2.15
CA THR A 411 -8.14 5.79 -3.49
C THR A 411 -9.56 6.38 -3.37
N ALA A 412 -10.15 6.78 -4.46
CA ALA A 412 -11.54 7.26 -4.49
C ALA A 412 -12.13 6.54 -5.71
N GLU A 413 -13.39 6.03 -5.60
CA GLU A 413 -14.00 5.35 -6.77
C GLU A 413 -14.27 6.27 -7.90
N THR A 414 -14.78 7.49 -7.60
CA THR A 414 -15.11 8.46 -8.63
C THR A 414 -14.58 9.84 -8.25
N VAL A 415 -14.10 10.57 -9.22
CA VAL A 415 -13.60 11.91 -8.95
C VAL A 415 -14.54 12.83 -9.66
N TYR A 416 -15.11 13.80 -8.93
CA TYR A 416 -15.96 14.75 -9.58
C TYR A 416 -15.23 16.03 -9.76
N GLN A 417 -15.19 16.56 -10.96
CA GLN A 417 -14.53 17.84 -11.19
C GLN A 417 -15.59 18.93 -11.19
N ILE A 418 -15.50 19.83 -10.21
CA ILE A 418 -16.47 20.91 -10.06
C ILE A 418 -16.06 22.16 -10.76
N GLY A 419 -16.89 22.69 -11.63
CA GLY A 419 -16.55 23.92 -12.28
C GLY A 419 -15.58 23.72 -13.42
N ASP A 420 -15.47 24.77 -14.19
CA ASP A 420 -14.60 24.83 -15.34
C ASP A 420 -13.36 25.72 -15.04
N GLY A 421 -12.19 25.37 -15.55
CA GLY A 421 -11.01 26.22 -15.35
C GLY A 421 -9.82 25.47 -14.81
N MET A 422 -10.03 24.35 -14.11
CA MET A 422 -8.92 23.59 -13.60
C MET A 422 -8.23 22.90 -14.79
N LYS A 423 -6.89 22.92 -14.85
CA LYS A 423 -6.20 22.30 -16.00
C LYS A 423 -6.39 20.81 -16.05
N ASP A 424 -6.43 20.25 -17.27
CA ASP A 424 -6.60 18.81 -17.44
C ASP A 424 -5.56 18.09 -16.73
N SER A 425 -4.39 18.69 -16.79
CA SER A 425 -3.17 18.22 -16.17
C SER A 425 -3.36 17.95 -14.63
N VAL A 426 -3.96 18.92 -13.97
CA VAL A 426 -4.20 18.86 -12.52
C VAL A 426 -5.28 17.83 -12.12
N ILE A 427 -6.45 17.88 -12.78
CA ILE A 427 -7.50 16.92 -12.41
C ILE A 427 -7.02 15.46 -12.74
N ASN A 428 -6.31 15.29 -13.87
CA ASN A 428 -5.84 13.96 -14.22
C ASN A 428 -4.81 13.46 -13.26
N SER A 429 -3.97 14.39 -12.72
CA SER A 429 -2.97 13.98 -11.72
C SER A 429 -3.67 13.45 -10.50
N ILE A 430 -4.71 14.20 -10.04
CA ILE A 430 -5.44 13.77 -8.86
C ILE A 430 -6.17 12.41 -9.09
N ALA A 431 -6.83 12.31 -10.25
CA ALA A 431 -7.56 11.07 -10.63
C ALA A 431 -6.56 9.87 -10.72
N SER A 432 -5.30 10.12 -11.21
CA SER A 432 -4.30 8.99 -11.24
C SER A 432 -3.89 8.58 -9.86
N SER A 433 -3.56 9.58 -8.95
CA SER A 433 -3.20 9.15 -7.58
C SER A 433 -4.27 8.41 -6.90
N LEU A 434 -5.54 8.78 -7.21
CA LEU A 434 -6.62 8.15 -6.44
C LEU A 434 -7.07 6.78 -7.03
N SER A 435 -6.34 6.27 -8.07
CA SER A 435 -6.67 4.94 -8.63
C SER A 435 -5.90 3.88 -7.89
N LYS A 436 -4.90 4.25 -7.03
CA LYS A 436 -4.18 3.19 -6.26
C LYS A 436 -3.63 3.63 -4.89
N HIS A 437 -3.52 2.68 -3.98
CA HIS A 437 -2.93 2.90 -2.66
C HIS A 437 -1.42 3.06 -2.81
N ASN A 438 -0.79 3.92 -2.00
CA ASN A 438 0.65 4.12 -2.07
C ASN A 438 1.03 4.49 -3.46
N ALA A 439 0.16 5.26 -4.10
CA ALA A 439 0.45 5.72 -5.45
C ALA A 439 1.74 6.55 -5.51
N PRO A 440 2.53 6.43 -6.59
CA PRO A 440 3.75 7.24 -6.64
C PRO A 440 3.39 8.71 -6.73
N THR A 441 4.30 9.58 -6.32
CA THR A 441 4.10 11.02 -6.36
C THR A 441 4.80 11.53 -7.64
N GLU A 442 4.05 11.75 -8.75
CA GLU A 442 4.74 12.19 -9.98
C GLU A 442 3.90 13.04 -10.97
N PRO A 443 2.62 12.75 -11.28
CA PRO A 443 1.91 13.63 -12.24
C PRO A 443 1.87 15.11 -11.77
N ASP A 444 1.87 15.32 -10.44
CA ASP A 444 1.88 16.63 -9.78
C ASP A 444 2.97 17.54 -10.38
N ASN A 445 4.00 16.96 -11.02
CA ASN A 445 5.03 17.74 -11.70
C ASN A 445 4.84 17.56 -13.19
N SER A 446 4.46 16.34 -13.64
CA SER A 446 4.22 16.08 -15.07
C SER A 446 3.42 17.19 -15.73
N GLY A 447 2.61 17.91 -14.92
CA GLY A 447 1.78 19.01 -15.39
C GLY A 447 2.34 19.84 -16.53
N SER A 448 3.61 20.23 -16.41
CA SER A 448 4.24 21.02 -17.48
C SER A 448 4.76 20.09 -18.57
N ALA A 449 4.33 20.29 -19.82
CA ALA A 449 4.81 19.48 -20.94
C ALA A 449 6.33 19.67 -21.06
N ALA A 450 6.78 20.86 -20.65
CA ALA A 450 8.17 21.28 -20.64
C ALA A 450 8.31 22.33 -19.51
N GLY A 451 9.53 22.78 -19.20
CA GLY A 451 9.68 23.78 -18.15
C GLY A 451 10.83 23.41 -17.23
N LYS A 452 11.02 24.16 -16.19
CA LYS A 452 12.11 23.88 -15.26
C LYS A 452 11.68 22.82 -14.22
N THR A 453 12.64 21.98 -13.77
CA THR A 453 12.38 20.95 -12.76
C THR A 453 13.33 21.11 -11.57
N VAL A 454 12.80 21.06 -10.36
CA VAL A 454 13.63 21.21 -9.14
C VAL A 454 13.31 20.00 -8.25
N VAL A 455 14.31 19.50 -7.56
CA VAL A 455 14.09 18.44 -6.59
C VAL A 455 14.27 19.13 -5.27
N ILE A 456 13.25 18.97 -4.35
CA ILE A 456 13.31 19.55 -3.02
C ILE A 456 13.50 18.36 -2.04
N ASP A 457 14.49 18.47 -1.14
CA ASP A 457 14.77 17.38 -0.20
C ASP A 457 14.72 17.83 1.26
N PRO A 458 13.64 17.55 1.98
CA PRO A 458 13.49 17.89 3.41
C PRO A 458 14.43 16.94 4.19
N GLY A 459 15.45 17.43 4.89
CA GLY A 459 16.43 16.54 5.50
C GLY A 459 15.84 15.66 6.59
N HIS A 460 16.47 14.48 6.77
CA HIS A 460 16.12 13.52 7.82
C HIS A 460 14.72 13.02 7.64
N GLY A 461 14.13 12.43 8.69
CA GLY A 461 12.78 11.87 8.59
C GLY A 461 12.72 10.45 9.19
N GLY A 462 11.57 10.06 9.66
CA GLY A 462 11.36 8.69 10.18
C GLY A 462 12.27 8.38 11.37
N SER A 463 13.07 7.33 11.24
CA SER A 463 14.01 6.91 12.31
C SER A 463 15.06 7.99 12.64
N ASP A 464 15.33 8.93 11.69
CA ASP A 464 16.32 9.99 11.95
C ASP A 464 15.64 11.32 12.21
N SER A 465 15.61 11.81 13.44
CA SER A 465 14.90 13.07 13.70
C SER A 465 15.76 14.31 13.36
N GLY A 466 17.09 14.12 13.14
CA GLY A 466 17.99 15.24 12.89
C GLY A 466 18.17 16.01 14.18
N ALA A 467 18.67 17.26 14.14
CA ALA A 467 18.84 18.01 15.39
C ALA A 467 17.50 18.26 16.09
N THR A 468 17.53 18.37 17.43
CA THR A 468 16.30 18.66 18.20
C THR A 468 16.60 19.76 19.22
N SER A 469 15.56 20.35 19.81
CA SER A 469 15.77 21.41 20.77
C SER A 469 14.48 21.56 21.57
N GLY A 470 14.55 22.30 22.69
CA GLY A 470 13.37 22.51 23.51
C GLY A 470 12.67 23.80 23.15
N LEU A 471 13.16 24.56 22.13
CA LEU A 471 12.47 25.83 21.75
C LEU A 471 11.12 25.57 21.00
N ASN A 472 10.22 26.58 21.00
CA ASN A 472 8.93 26.50 20.31
C ASN A 472 8.14 25.28 20.71
N GLY A 473 8.17 24.95 22.02
CA GLY A 473 7.41 23.80 22.52
C GLY A 473 8.01 22.46 22.13
N GLY A 474 9.31 22.43 21.80
CA GLY A 474 9.93 21.17 21.37
C GLY A 474 10.02 21.24 19.85
N ALA A 475 11.20 21.00 19.34
CA ALA A 475 11.41 21.10 17.92
C ALA A 475 12.28 19.99 17.45
N GLN A 476 11.90 19.44 16.29
CA GLN A 476 12.67 18.39 15.65
C GLN A 476 12.97 18.85 14.26
N GLU A 477 14.25 18.80 13.85
CA GLU A 477 14.63 19.22 12.50
C GLU A 477 13.76 18.51 11.40
N LYS A 478 13.52 17.19 11.51
CA LYS A 478 12.76 16.47 10.47
C LYS A 478 11.35 17.04 10.24
N LYS A 479 10.74 17.64 11.25
CA LYS A 479 9.41 18.16 10.98
C LYS A 479 9.49 19.62 10.44
N TYR A 480 10.49 20.39 10.89
CA TYR A 480 10.58 21.76 10.41
C TYR A 480 11.07 21.67 8.98
N THR A 481 11.91 20.66 8.65
CA THR A 481 12.36 20.68 7.24
C THR A 481 11.19 20.28 6.39
N LEU A 482 10.37 19.30 6.84
CA LEU A 482 9.21 18.94 5.99
C LEU A 482 8.22 20.14 5.79
N ASN A 483 7.86 20.85 6.87
CA ASN A 483 6.91 21.99 6.75
C ASN A 483 7.55 23.11 5.86
N THR A 484 8.87 23.35 6.01
CA THR A 484 9.52 24.37 5.19
C THR A 484 9.48 23.93 3.71
N ALA A 485 9.84 22.65 3.45
CA ALA A 485 9.91 22.13 2.11
C ALA A 485 8.57 22.10 1.41
N LEU A 486 7.52 21.83 2.13
CA LEU A 486 6.17 21.81 1.47
C LEU A 486 5.88 23.24 0.97
N ALA A 487 6.24 24.23 1.78
CA ALA A 487 5.95 25.64 1.38
C ALA A 487 6.82 26.04 0.18
N THR A 488 8.10 25.60 0.14
CA THR A 488 8.92 25.87 -1.03
C THR A 488 8.33 25.23 -2.27
N THR A 489 7.88 23.96 -2.13
CA THR A 489 7.31 23.28 -3.28
C THR A 489 6.05 24.03 -3.77
N GLU A 490 5.24 24.44 -2.84
CA GLU A 490 3.97 25.12 -3.16
C GLU A 490 4.31 26.43 -3.97
N TYR A 491 5.33 27.19 -3.52
CA TYR A 491 5.67 28.43 -4.25
C TYR A 491 6.15 28.09 -5.61
N LEU A 492 7.06 27.12 -5.75
CA LEU A 492 7.58 26.81 -7.09
C LEU A 492 6.49 26.35 -8.04
N ARG A 493 5.56 25.50 -7.54
CA ARG A 493 4.51 25.02 -8.42
C ARG A 493 3.60 26.15 -8.85
N SER A 494 3.33 27.09 -7.97
CA SER A 494 2.45 28.20 -8.32
C SER A 494 3.10 29.10 -9.41
N LYS A 495 4.43 28.97 -9.64
CA LYS A 495 5.11 29.75 -10.71
C LYS A 495 5.39 28.87 -11.91
N GLY A 496 4.78 27.69 -11.99
CA GLY A 496 4.97 26.85 -13.17
C GLY A 496 6.23 26.02 -13.22
N ILE A 497 6.95 25.86 -12.07
CA ILE A 497 8.16 25.04 -12.05
C ILE A 497 7.79 23.63 -11.57
N ASN A 498 8.25 22.60 -12.20
CA ASN A 498 7.95 21.24 -11.79
C ASN A 498 8.77 20.90 -10.57
N VAL A 499 8.16 20.28 -9.55
CA VAL A 499 8.89 19.95 -8.34
C VAL A 499 8.71 18.55 -7.99
N VAL A 500 9.80 17.85 -7.71
CA VAL A 500 9.69 16.49 -7.20
C VAL A 500 10.21 16.55 -5.75
N MET A 501 9.46 16.08 -4.77
CA MET A 501 9.99 16.11 -3.40
C MET A 501 10.61 14.75 -3.09
N THR A 502 11.74 14.68 -2.42
CA THR A 502 12.29 13.35 -2.11
C THR A 502 11.32 12.61 -1.17
N ARG A 503 10.66 13.33 -0.26
CA ARG A 503 9.64 12.78 0.61
C ARG A 503 8.62 13.90 0.87
N ASP A 504 7.34 13.54 1.01
CA ASP A 504 6.35 14.59 1.28
C ASP A 504 5.66 14.25 2.58
N THR A 505 6.18 13.27 3.29
CA THR A 505 5.64 12.90 4.56
C THR A 505 6.76 12.43 5.48
N ASP A 506 6.44 12.14 6.74
CA ASP A 506 7.46 11.66 7.64
C ASP A 506 7.81 10.25 7.23
N LYS A 507 9.04 10.01 6.76
CA LYS A 507 9.48 8.66 6.45
C LYS A 507 10.99 8.58 6.46
N THR A 508 11.52 7.38 6.69
CA THR A 508 12.97 7.15 6.70
C THR A 508 13.49 7.16 5.25
N MET A 509 14.53 7.92 4.96
CA MET A 509 15.00 7.91 3.61
C MET A 509 16.51 8.20 3.61
N ALA A 510 17.32 7.33 2.99
CA ALA A 510 18.79 7.49 3.03
C ALA A 510 19.30 8.55 2.04
N LEU A 511 20.50 9.09 2.32
CA LEU A 511 21.11 10.08 1.46
C LEU A 511 21.28 9.51 0.06
N GLY A 512 21.65 8.22 -0.03
CA GLY A 512 21.86 7.58 -1.32
C GLY A 512 20.58 7.44 -2.10
N GLU A 513 19.45 7.33 -1.39
CA GLU A 513 18.16 7.25 -2.14
C GLU A 513 17.78 8.69 -2.69
N ARG A 514 17.98 9.72 -1.86
CA ARG A 514 17.67 11.11 -2.26
C ARG A 514 18.52 11.45 -3.42
N THR A 515 19.83 11.06 -3.38
CA THR A 515 20.69 11.38 -4.51
C THR A 515 20.34 10.58 -5.75
N ALA A 516 20.01 9.30 -5.60
CA ALA A 516 19.64 8.49 -6.79
C ALA A 516 18.45 9.13 -7.46
N LEU A 517 17.49 9.62 -6.64
CA LEU A 517 16.31 10.26 -7.18
C LEU A 517 16.72 11.45 -7.97
N SER A 518 17.61 12.27 -7.41
CA SER A 518 18.06 13.48 -8.15
C SER A 518 18.67 13.09 -9.49
N ASN A 519 19.53 12.07 -9.49
CA ASN A 519 20.20 11.59 -10.71
C ASN A 519 19.22 11.00 -11.72
N THR A 520 18.09 10.49 -11.25
CA THR A 520 17.07 9.94 -12.14
C THR A 520 16.24 11.08 -12.73
N ILE A 521 15.96 12.12 -11.92
CA ILE A 521 15.13 13.23 -12.38
C ILE A 521 15.88 14.18 -13.23
N LYS A 522 17.21 14.34 -13.01
CA LYS A 522 18.08 15.27 -13.77
C LYS A 522 17.55 16.68 -13.64
N PRO A 523 17.36 17.17 -12.39
CA PRO A 523 16.84 18.54 -12.27
C PRO A 523 17.75 19.64 -12.66
N ASP A 524 17.14 20.83 -12.80
CA ASP A 524 17.88 22.03 -13.02
C ASP A 524 18.59 22.33 -11.69
N LEU A 525 17.94 21.99 -10.53
CA LEU A 525 18.58 22.26 -9.22
C LEU A 525 17.97 21.35 -8.17
N PHE A 526 18.81 20.83 -7.27
CA PHE A 526 18.44 19.99 -6.15
C PHE A 526 18.70 20.80 -4.94
N THR A 527 17.69 20.99 -4.06
CA THR A 527 17.88 21.76 -2.87
C THR A 527 17.53 20.92 -1.62
N SER A 528 18.53 20.66 -0.76
CA SER A 528 18.29 19.96 0.48
C SER A 528 18.02 20.99 1.54
N ILE A 529 17.02 20.78 2.42
CA ILE A 529 16.65 21.77 3.40
C ILE A 529 16.86 21.17 4.75
N HIS A 530 17.66 21.85 5.56
CA HIS A 530 18.04 21.40 6.89
C HIS A 530 17.99 22.54 7.93
N TYR A 531 18.11 22.20 9.23
CA TYR A 531 18.18 23.20 10.30
C TYR A 531 19.49 22.93 11.08
N ASN A 532 20.23 24.00 11.47
CA ASN A 532 21.54 23.86 12.15
C ASN A 532 21.37 23.70 13.64
N ALA A 533 22.51 23.43 14.30
CA ALA A 533 22.58 23.26 15.77
C ALA A 533 24.06 23.34 16.20
N SER A 534 24.30 23.61 17.44
CA SER A 534 25.62 23.64 18.04
C SER A 534 25.26 23.54 19.54
N ASN A 535 24.84 24.66 20.12
CA ASN A 535 24.34 24.80 21.50
C ASN A 535 23.46 26.05 21.34
N GLY A 536 23.10 26.81 22.36
CA GLY A 536 22.25 27.97 22.05
C GLY A 536 23.03 29.02 21.29
N SER A 537 24.38 28.89 21.33
CA SER A 537 25.38 29.78 20.74
C SER A 537 25.19 30.09 19.23
N GLY A 538 25.50 29.13 18.32
CA GLY A 538 25.36 29.37 16.88
C GLY A 538 23.98 29.90 16.55
N ASN A 539 23.92 30.74 15.51
CA ASN A 539 22.66 31.34 15.04
C ASN A 539 22.93 31.86 13.63
N GLY A 540 21.86 32.02 12.83
CA GLY A 540 22.00 32.51 11.47
C GLY A 540 21.72 31.45 10.42
N VAL A 541 21.89 31.84 9.14
CA VAL A 541 21.63 31.02 7.97
C VAL A 541 22.93 30.87 7.16
N GLU A 542 23.15 29.68 6.59
CA GLU A 542 24.29 29.41 5.72
C GLU A 542 23.86 28.39 4.71
N ILE A 543 24.48 28.38 3.56
CA ILE A 543 24.11 27.42 2.56
C ILE A 543 25.40 26.80 2.05
N TYR A 544 25.44 25.49 1.88
CA TYR A 544 26.59 24.82 1.31
C TYR A 544 26.41 24.64 -0.14
N TYR A 545 27.46 24.80 -0.93
CA TYR A 545 27.31 24.56 -2.35
C TYR A 545 28.53 23.71 -2.83
N LYS A 546 28.60 23.30 -4.10
CA LYS A 546 29.66 22.39 -4.52
C LYS A 546 31.04 23.12 -4.61
N VAL A 547 32.09 22.50 -4.07
CA VAL A 547 33.42 23.12 -4.08
C VAL A 547 33.85 23.44 -5.51
N LYS A 548 33.52 22.61 -6.49
CA LYS A 548 33.90 22.87 -7.88
C LYS A 548 33.46 24.26 -8.38
N ASP A 549 32.42 24.86 -7.75
CA ASP A 549 31.90 26.18 -8.14
C ASP A 549 32.39 27.25 -7.16
N LYS A 550 33.45 26.96 -6.35
CA LYS A 550 33.93 27.94 -5.37
C LYS A 550 34.25 29.32 -5.98
N ASN A 551 34.64 29.34 -7.25
CA ASN A 551 34.98 30.60 -7.88
C ASN A 551 33.95 30.97 -8.95
N GLY A 552 32.72 30.36 -8.86
CA GLY A 552 31.65 30.61 -9.81
C GLY A 552 31.01 29.35 -10.40
N GLY A 553 29.63 29.30 -10.45
CA GLY A 553 28.90 28.16 -11.03
C GLY A 553 27.46 28.15 -10.54
N THR A 554 26.62 27.31 -11.15
CA THR A 554 25.19 27.22 -10.81
C THR A 554 24.96 27.09 -9.32
N THR A 555 25.71 26.24 -8.57
CA THR A 555 25.38 26.08 -7.14
C THR A 555 25.82 27.24 -6.34
N LYS A 556 26.84 27.95 -6.77
CA LYS A 556 27.20 29.18 -6.03
C LYS A 556 26.12 30.28 -6.26
N THR A 557 25.62 30.41 -7.49
CA THR A 557 24.58 31.41 -7.79
C THR A 557 23.31 31.02 -6.99
N ALA A 558 22.97 29.74 -7.02
CA ALA A 558 21.77 29.23 -6.30
C ALA A 558 21.91 29.57 -4.84
N ALA A 559 23.06 29.28 -4.21
CA ALA A 559 23.19 29.54 -2.78
C ALA A 559 23.12 31.03 -2.44
N SER A 560 23.71 31.89 -3.33
CA SER A 560 23.70 33.36 -3.11
C SER A 560 22.27 33.89 -3.23
N ASN A 561 21.54 33.46 -4.27
CA ASN A 561 20.13 33.90 -4.46
C ASN A 561 19.27 33.51 -3.26
N ILE A 562 19.34 32.22 -2.82
CA ILE A 562 18.48 31.78 -1.66
C ILE A 562 18.84 32.49 -0.41
N LEU A 563 20.14 32.64 -0.16
CA LEU A 563 20.55 33.34 1.07
C LEU A 563 20.00 34.79 1.05
N LYS A 564 20.14 35.47 -0.11
CA LYS A 564 19.60 36.83 -0.24
C LYS A 564 18.08 36.81 0.07
N ARG A 565 17.31 35.88 -0.59
CA ARG A 565 15.83 35.91 -0.33
C ARG A 565 15.48 35.62 1.11
N ILE A 566 16.20 34.69 1.77
CA ILE A 566 15.85 34.41 3.16
C ILE A 566 16.05 35.65 3.99
N LEU A 567 17.22 36.29 3.80
CA LEU A 567 17.56 37.46 4.59
C LEU A 567 16.59 38.62 4.28
N GLU A 568 15.91 38.65 3.11
CA GLU A 568 14.93 39.72 2.83
C GLU A 568 13.76 39.65 3.82
N LYS A 569 13.46 38.49 4.48
CA LYS A 569 12.31 38.39 5.41
C LYS A 569 12.69 38.00 6.79
N PHE A 570 13.94 37.65 6.98
CA PHE A 570 14.38 37.18 8.28
C PHE A 570 15.64 37.92 8.72
N ASN A 571 15.61 38.67 9.84
CA ASN A 571 16.82 39.37 10.27
C ASN A 571 17.69 38.43 11.11
N MET A 572 18.35 37.47 10.46
CA MET A 572 19.24 36.51 11.11
C MET A 572 20.66 36.76 10.68
N LYS A 573 21.64 36.28 11.42
CA LYS A 573 23.00 36.51 10.99
C LYS A 573 23.28 35.84 9.65
N ASN A 574 23.96 36.58 8.78
CA ASN A 574 24.31 36.06 7.47
C ASN A 574 25.63 35.31 7.63
N ARG A 575 25.59 33.96 7.70
CA ARG A 575 26.82 33.20 7.84
C ARG A 575 27.45 32.92 6.49
N GLY A 576 26.81 33.35 5.40
CA GLY A 576 27.41 33.21 4.09
C GLY A 576 27.18 31.87 3.45
N ILE A 577 27.68 31.70 2.21
CA ILE A 577 27.59 30.47 1.48
C ILE A 577 28.93 29.74 1.79
N LYS A 578 28.94 28.43 1.92
CA LYS A 578 30.14 27.71 2.31
C LYS A 578 30.41 26.45 1.52
N THR A 579 31.69 26.02 1.47
CA THR A 579 32.00 24.75 0.85
C THR A 579 32.68 23.95 1.97
N ARG A 580 32.70 22.63 1.84
CA ARG A 580 33.31 21.78 2.84
C ARG A 580 33.75 20.51 2.12
N THR A 581 34.99 20.07 2.38
CA THR A 581 35.52 18.91 1.67
C THR A 581 36.02 17.80 2.58
N LEU A 582 36.16 16.63 1.97
CA LEU A 582 36.76 15.46 2.63
C LEU A 582 38.29 15.61 2.34
N ASP A 583 39.14 14.84 3.03
CA ASP A 583 40.59 14.89 2.69
C ASP A 583 40.81 14.62 1.25
N ASN A 584 39.95 13.88 0.60
CA ASN A 584 40.28 13.66 -0.80
C ASN A 584 39.93 14.81 -1.72
N GLY A 585 39.48 15.95 -1.20
CA GLY A 585 39.19 17.06 -2.08
C GLY A 585 37.74 17.21 -2.53
N LYS A 586 36.93 16.11 -2.44
CA LYS A 586 35.53 16.15 -2.86
C LYS A 586 34.64 16.75 -1.79
N ASP A 587 33.38 17.12 -2.14
CA ASP A 587 32.45 17.70 -1.18
C ASP A 587 32.16 16.74 -0.05
N TYR A 588 32.09 17.25 1.11
CA TYR A 588 31.82 16.47 2.31
C TYR A 588 30.37 15.91 2.30
N LEU A 589 29.39 16.75 1.94
CA LEU A 589 27.98 16.34 1.95
C LEU A 589 27.68 15.38 0.84
N TYR A 590 27.15 14.22 1.21
CA TYR A 590 26.78 13.19 0.24
C TYR A 590 25.89 13.73 -0.85
N VAL A 591 24.87 14.58 -0.49
CA VAL A 591 23.94 14.97 -1.62
C VAL A 591 24.57 15.96 -2.57
N LEU A 592 25.74 16.50 -2.20
CA LEU A 592 26.46 17.39 -3.12
C LEU A 592 27.46 16.55 -3.93
N ARG A 593 28.27 15.77 -3.22
CA ARG A 593 29.34 14.99 -3.86
C ARG A 593 28.83 13.98 -4.83
N ASN A 594 27.71 13.34 -4.54
CA ASN A 594 27.23 12.30 -5.43
C ASN A 594 26.11 12.70 -6.37
N ASN A 595 25.82 13.97 -6.42
CA ASN A 595 24.76 14.45 -7.31
C ASN A 595 25.36 14.83 -8.70
N ASN A 596 24.81 14.32 -9.80
CA ASN A 596 25.33 14.71 -11.12
C ASN A 596 24.70 16.03 -11.55
N TYR A 597 23.83 16.62 -10.71
CA TYR A 597 23.15 17.87 -11.05
C TYR A 597 23.44 18.92 -10.04
N PRO A 598 23.21 20.19 -10.36
CA PRO A 598 23.49 21.27 -9.39
C PRO A 598 22.71 21.01 -8.06
N ALA A 599 23.39 21.14 -6.91
CA ALA A 599 22.84 20.82 -5.62
C ALA A 599 23.38 21.69 -4.55
N ILE A 600 22.55 22.08 -3.58
CA ILE A 600 22.96 22.89 -2.46
C ILE A 600 22.24 22.37 -1.25
N LEU A 601 22.71 22.78 -0.08
CA LEU A 601 22.08 22.40 1.15
C LEU A 601 21.91 23.62 1.99
N VAL A 602 20.66 23.95 2.26
CA VAL A 602 20.30 25.12 3.02
C VAL A 602 20.16 24.81 4.48
N GLU A 603 20.89 25.55 5.37
CA GLU A 603 20.71 25.40 6.81
C GLU A 603 19.92 26.64 7.14
N CYS A 604 18.57 26.54 7.12
CA CYS A 604 17.67 27.69 7.30
C CYS A 604 17.94 28.58 8.48
N ALA A 605 18.21 27.95 9.63
CA ALA A 605 18.38 28.65 10.89
C ALA A 605 18.88 27.62 11.91
N PHE A 606 19.31 28.07 13.11
CA PHE A 606 19.76 27.18 14.17
C PHE A 606 18.54 26.86 14.93
N ILE A 607 18.15 25.56 14.93
CA ILE A 607 16.92 25.12 15.60
C ILE A 607 17.04 25.18 17.15
N ASP A 608 18.28 25.36 17.68
CA ASP A 608 18.57 25.47 19.12
C ASP A 608 18.94 26.92 19.46
N ASN A 609 18.67 27.88 18.55
CA ASN A 609 18.96 29.30 18.90
C ASN A 609 17.61 30.04 19.07
N LYS A 610 17.34 30.57 20.27
CA LYS A 610 16.06 31.25 20.54
C LYS A 610 15.77 32.44 19.64
N SER A 611 16.76 33.27 19.35
CA SER A 611 16.50 34.41 18.48
C SER A 611 16.01 33.95 17.05
N ASP A 612 16.68 32.93 16.45
CA ASP A 612 16.33 32.36 15.14
C ASP A 612 14.95 31.73 15.21
N MET A 613 14.72 30.83 16.20
CA MET A 613 13.44 30.12 16.34
C MET A 613 12.26 31.03 16.66
N ASP A 614 12.52 32.18 17.32
CA ASP A 614 11.44 33.14 17.59
C ASP A 614 10.85 33.68 16.22
N LYS A 615 11.67 33.68 15.16
CA LYS A 615 11.19 34.13 13.86
C LYS A 615 10.52 32.96 13.08
N LEU A 616 10.50 31.76 13.68
CA LEU A 616 9.88 30.57 13.04
C LEU A 616 8.91 29.86 14.02
N ASN A 617 8.28 30.61 14.92
CA ASN A 617 7.43 29.95 15.91
C ASN A 617 5.94 29.83 15.57
N THR A 618 5.54 29.96 14.28
CA THR A 618 4.16 29.74 13.86
C THR A 618 4.24 29.05 12.48
N ALA A 619 3.19 28.38 12.04
CA ALA A 619 3.21 27.65 10.79
C ALA A 619 3.34 28.69 9.68
N GLU A 620 2.78 29.89 9.93
N GLU A 620 2.78 29.85 9.86
CA GLU A 620 2.83 31.00 8.97
CA GLU A 620 2.84 30.85 8.80
C GLU A 620 4.29 31.40 8.65
C GLU A 620 4.28 31.39 8.61
N LYS A 621 5.08 31.61 9.69
CA LYS A 621 6.48 32.00 9.60
C LYS A 621 7.32 30.90 8.93
N VAL A 622 7.04 29.61 9.26
CA VAL A 622 7.77 28.53 8.60
C VAL A 622 7.41 28.53 7.14
N LYS A 623 6.12 28.81 6.84
CA LYS A 623 5.72 28.85 5.44
C LYS A 623 6.50 30.02 4.73
N THR A 624 6.72 31.15 5.41
CA THR A 624 7.46 32.26 4.78
C THR A 624 8.91 31.83 4.48
N MET A 625 9.50 31.09 5.41
CA MET A 625 10.87 30.58 5.17
C MET A 625 10.87 29.74 3.94
N GLY A 626 9.87 28.79 3.76
CA GLY A 626 9.90 27.97 2.55
C GLY A 626 9.65 28.80 1.29
N THR A 627 8.73 29.74 1.38
CA THR A 627 8.45 30.58 0.22
C THR A 627 9.75 31.34 -0.26
N GLN A 628 10.48 31.95 0.68
CA GLN A 628 11.71 32.68 0.30
C GLN A 628 12.70 31.75 -0.37
N ILE A 629 12.82 30.51 0.18
CA ILE A 629 13.72 29.61 -0.47
C ILE A 629 13.23 29.33 -1.89
N GLY A 630 11.87 29.18 -2.07
CA GLY A 630 11.36 28.91 -3.40
C GLY A 630 11.65 30.11 -4.33
N ILE A 631 11.54 31.31 -3.80
CA ILE A 631 11.78 32.51 -4.66
C ILE A 631 13.28 32.49 -5.09
N GLY A 632 14.18 32.21 -4.14
CA GLY A 632 15.61 32.13 -4.48
C GLY A 632 15.86 31.07 -5.52
N ILE A 633 15.16 29.91 -5.44
CA ILE A 633 15.33 28.87 -6.44
C ILE A 633 14.82 29.36 -7.83
N GLU A 634 13.64 29.97 -7.84
CA GLU A 634 13.05 30.49 -9.08
C GLU A 634 14.06 31.54 -9.71
N ASP A 635 14.64 32.41 -8.89
CA ASP A 635 15.66 33.35 -9.34
C ASP A 635 16.72 32.64 -10.11
N THR A 636 17.11 31.49 -9.61
CA THR A 636 18.17 30.73 -10.20
C THR A 636 17.80 29.95 -11.43
N VAL A 637 16.65 29.25 -11.48
CA VAL A 637 16.40 28.39 -12.64
C VAL A 637 15.53 28.98 -13.74
N LYS A 638 14.88 30.10 -13.53
CA LYS A 638 13.94 30.52 -14.59
C LYS A 638 14.60 30.94 -15.92
N SER B 1 39.85 -16.69 23.20
CA SER B 1 39.33 -15.32 23.20
C SER B 1 38.55 -15.05 24.49
N ASP B 2 38.77 -13.90 25.09
CA ASP B 2 38.11 -13.59 26.37
C ASP B 2 36.77 -12.85 26.19
N ILE B 3 36.43 -12.52 24.92
CA ILE B 3 35.15 -11.85 24.65
C ILE B 3 34.56 -12.46 23.38
N ASN B 4 33.26 -12.67 23.35
CA ASN B 4 32.57 -13.14 22.14
C ASN B 4 31.49 -12.05 21.83
N ILE B 5 31.50 -11.50 20.59
CA ILE B 5 30.51 -10.49 20.17
C ILE B 5 29.66 -11.16 19.06
N ASN B 6 28.40 -11.41 19.35
CA ASN B 6 27.51 -12.07 18.41
C ASN B 6 26.54 -11.02 17.86
N LEU B 7 26.83 -10.50 16.65
CA LEU B 7 25.94 -9.51 16.00
C LEU B 7 25.00 -10.27 15.10
N GLN B 8 23.75 -9.89 15.10
CA GLN B 8 22.77 -10.62 14.29
C GLN B 8 22.95 -10.35 12.81
N ARG B 9 23.23 -9.11 12.45
CA ARG B 9 23.26 -8.72 11.00
C ARG B 9 24.52 -8.03 10.61
N LYS B 10 25.10 -8.31 9.43
CA LYS B 10 26.30 -7.57 8.97
C LYS B 10 25.99 -6.71 7.73
N SER B 11 24.76 -6.79 7.26
CA SER B 11 24.27 -5.96 6.16
C SER B 11 22.95 -5.33 6.68
N VAL B 12 22.87 -4.01 6.69
CA VAL B 12 21.69 -3.35 7.26
C VAL B 12 21.34 -2.14 6.36
N VAL B 13 20.27 -1.40 6.74
CA VAL B 13 19.93 -0.17 6.03
C VAL B 13 19.60 0.87 7.07
N LEU B 14 19.41 2.13 6.66
CA LEU B 14 19.02 3.12 7.64
C LEU B 14 17.72 2.65 8.29
N GLY B 15 17.68 2.64 9.63
CA GLY B 15 16.48 2.20 10.35
C GLY B 15 16.50 0.77 10.83
N SER B 16 17.48 -0.04 10.38
CA SER B 16 17.60 -1.46 10.80
C SER B 16 17.81 -1.60 12.31
N LYS B 17 17.38 -2.75 12.82
CA LYS B 17 17.62 -3.12 14.22
C LYS B 17 18.37 -4.43 14.12
N SER B 18 19.35 -4.61 14.99
CA SER B 18 20.12 -5.84 14.97
C SER B 18 20.34 -6.26 16.43
N ASN B 19 20.01 -7.48 16.79
CA ASN B 19 20.28 -7.91 18.18
C ASN B 19 21.78 -8.09 18.39
N ALA B 20 22.29 -7.75 19.57
CA ALA B 20 23.73 -7.93 19.84
C ALA B 20 23.80 -8.70 21.17
N SER B 21 24.69 -9.69 21.25
CA SER B 21 24.84 -10.48 22.46
C SER B 21 26.37 -10.54 22.70
N VAL B 22 26.84 -10.06 23.89
CA VAL B 22 28.28 -10.03 24.16
C VAL B 22 28.53 -10.85 25.45
N LYS B 23 29.46 -11.82 25.39
N LYS B 23 29.50 -11.82 25.32
CA LYS B 23 29.78 -12.69 26.51
CA LYS B 23 29.81 -12.64 26.49
C LYS B 23 31.26 -12.53 26.85
C LYS B 23 31.29 -12.49 26.83
N PHE B 24 31.55 -12.29 28.13
CA PHE B 24 32.94 -12.15 28.64
C PHE B 24 33.25 -13.40 29.48
N LYS B 25 34.44 -13.94 29.37
CA LYS B 25 34.82 -15.08 30.22
C LYS B 25 35.01 -14.61 31.69
N GLU B 26 35.34 -13.34 31.92
CA GLU B 26 35.50 -12.84 33.29
C GLU B 26 34.30 -12.02 33.73
N LYS B 27 34.07 -11.92 35.04
CA LYS B 27 32.98 -11.09 35.54
C LYS B 27 33.44 -9.63 35.44
N LEU B 28 32.59 -8.72 34.92
CA LEU B 28 33.05 -7.33 34.78
C LEU B 28 32.65 -6.42 35.94
N ASN B 29 31.74 -6.84 36.84
CA ASN B 29 31.21 -5.97 37.92
C ASN B 29 30.53 -4.74 37.21
N ALA B 30 29.68 -5.02 36.19
CA ALA B 30 29.01 -3.95 35.44
C ALA B 30 27.63 -4.45 34.98
N ASP B 31 26.59 -3.68 35.26
CA ASP B 31 25.25 -4.08 34.83
C ASP B 31 25.06 -3.83 33.31
N SER B 32 25.94 -3.05 32.67
CA SER B 32 25.78 -2.86 31.21
C SER B 32 27.04 -2.49 30.61
N ILE B 33 27.13 -2.62 29.26
CA ILE B 33 28.29 -2.20 28.51
C ILE B 33 27.74 -1.36 27.32
N THR B 34 28.59 -0.52 26.69
CA THR B 34 28.20 0.29 25.52
C THR B 34 29.17 -0.01 24.42
N LEU B 35 28.70 -0.42 23.27
CA LEU B 35 29.56 -0.65 22.13
C LEU B 35 29.67 0.67 21.34
N ASN B 36 30.87 1.10 20.89
CA ASN B 36 31.01 2.35 20.14
C ASN B 36 31.54 2.01 18.80
N PHE B 37 30.87 2.56 17.76
CA PHE B 37 31.25 2.30 16.38
C PHE B 37 31.48 3.61 15.69
N MET B 38 32.12 3.58 14.56
CA MET B 38 32.33 4.82 13.81
C MET B 38 32.28 4.52 12.40
N CYS B 39 31.68 5.43 11.61
CA CYS B 39 31.70 5.28 10.15
C CYS B 39 32.19 6.66 9.65
N TYR B 40 33.46 6.73 9.20
CA TYR B 40 34.14 7.97 8.82
C TYR B 40 34.14 8.86 10.07
N ASP B 41 33.39 9.95 10.12
CA ASP B 41 33.37 10.80 11.28
C ASP B 41 32.06 10.68 12.04
N MET B 42 31.20 9.73 11.70
CA MET B 42 29.92 9.64 12.40
C MET B 42 29.90 8.50 13.49
N PRO B 43 29.62 8.78 14.77
CA PRO B 43 29.58 7.72 15.81
C PRO B 43 28.22 7.03 15.87
N LEU B 44 28.21 5.83 16.39
CA LEU B 44 26.99 5.08 16.60
C LEU B 44 27.27 4.33 17.88
N GLU B 45 26.29 4.24 18.79
CA GLU B 45 26.57 3.48 20.02
C GLU B 45 25.37 2.62 20.33
N ALA B 46 25.55 1.62 21.19
CA ALA B 46 24.42 0.80 21.63
C ALA B 46 24.79 0.29 23.01
N THR B 47 23.81 0.28 23.95
CA THR B 47 24.07 -0.20 25.28
C THR B 47 23.38 -1.53 25.49
N LEU B 48 24.16 -2.54 25.98
CA LEU B 48 23.64 -3.88 26.21
C LEU B 48 23.61 -4.19 27.71
N ASN B 49 22.48 -4.65 28.21
CA ASN B 49 22.26 -4.91 29.64
C ASN B 49 22.62 -6.32 30.02
N TYR B 50 23.24 -6.46 31.17
CA TYR B 50 23.62 -7.79 31.66
C TYR B 50 22.38 -8.61 31.94
N ASN B 51 22.37 -9.87 31.53
CA ASN B 51 21.27 -10.82 31.75
C ASN B 51 21.85 -11.98 32.60
N GLU B 52 21.45 -12.10 33.88
CA GLU B 52 21.98 -13.13 34.79
C GLU B 52 21.78 -14.51 34.28
N LYS B 53 20.61 -14.76 33.72
CA LYS B 53 20.25 -16.08 33.22
C LYS B 53 21.19 -16.58 32.18
N THR B 54 21.68 -15.70 31.28
CA THR B 54 22.57 -16.20 30.25
C THR B 54 24.06 -15.73 30.45
N ASP B 55 24.32 -14.94 31.50
CA ASP B 55 25.66 -14.44 31.82
C ASP B 55 26.20 -13.71 30.58
N SER B 56 25.37 -12.80 30.02
CA SER B 56 25.80 -12.12 28.81
C SER B 56 25.14 -10.72 28.76
N TYR B 57 25.67 -9.84 27.92
CA TYR B 57 25.12 -8.49 27.78
C TYR B 57 24.26 -8.49 26.51
N GLU B 58 23.01 -8.09 26.61
CA GLU B 58 22.08 -8.17 25.45
C GLU B 58 21.44 -6.88 25.17
N GLY B 59 21.24 -6.58 23.90
CA GLY B 59 20.56 -5.33 23.55
C GLY B 59 20.38 -5.30 22.04
N VAL B 60 20.01 -4.11 21.55
CA VAL B 60 19.73 -3.97 20.14
C VAL B 60 20.45 -2.77 19.62
N ILE B 61 21.07 -2.90 18.44
CA ILE B 61 21.74 -1.78 17.80
C ILE B 61 20.70 -1.14 16.87
N ASN B 62 20.55 0.19 16.96
CA ASN B 62 19.58 0.90 16.12
C ASN B 62 20.37 1.72 15.10
N TYR B 63 20.40 1.26 13.85
CA TYR B 63 21.17 1.96 12.83
C TYR B 63 20.37 3.19 12.32
N ASN B 64 20.30 4.24 13.11
CA ASN B 64 19.46 5.38 12.71
C ASN B 64 20.29 6.59 12.34
N LYS B 65 21.58 6.37 11.96
CA LYS B 65 22.50 7.43 11.55
C LYS B 65 22.83 7.25 10.06
N ASP B 66 22.87 8.37 9.32
CA ASP B 66 23.13 8.31 7.90
C ASP B 66 24.48 9.03 7.61
N PRO B 67 25.60 8.31 7.53
CA PRO B 67 26.92 8.96 7.26
C PRO B 67 27.00 9.68 5.92
N GLU B 68 27.72 10.80 5.95
CA GLU B 68 27.92 11.64 4.76
C GLU B 68 28.88 11.02 3.82
N TYR B 69 29.73 10.10 4.35
CA TYR B 69 30.77 9.45 3.52
C TYR B 69 31.10 8.07 4.12
N LEU B 70 31.30 7.07 3.29
CA LEU B 70 31.56 5.65 3.66
C LEU B 70 30.27 5.00 4.18
N ASN B 71 30.26 3.68 4.29
CA ASN B 71 29.03 2.98 4.73
C ASN B 71 29.36 1.72 5.51
N VAL B 72 30.56 1.68 6.15
CA VAL B 72 30.87 0.47 6.97
C VAL B 72 31.09 0.95 8.43
N TRP B 73 30.32 0.41 9.36
CA TRP B 73 30.46 0.76 10.75
C TRP B 73 31.57 -0.12 11.33
N GLU B 74 32.56 0.49 11.95
CA GLU B 74 33.71 -0.24 12.54
C GLU B 74 33.69 -0.12 14.04
N LEU B 75 33.85 -1.25 14.75
CA LEU B 75 33.89 -1.21 16.21
C LEU B 75 35.18 -0.51 16.73
N GLN B 76 35.01 0.46 17.60
CA GLN B 76 36.11 1.26 18.14
C GLN B 76 36.45 0.89 19.52
N SER B 77 35.47 0.61 20.39
CA SER B 77 35.76 0.37 21.80
C SER B 77 34.56 -0.13 22.52
N ILE B 78 34.73 -0.65 23.74
CA ILE B 78 33.61 -1.09 24.55
C ILE B 78 33.73 -0.36 25.91
N LYS B 79 32.71 0.40 26.33
CA LYS B 79 32.78 1.04 27.62
C LYS B 79 32.10 0.12 28.59
N ILE B 80 32.71 -0.13 29.77
CA ILE B 80 32.11 -0.99 30.81
C ILE B 80 31.46 -0.06 31.80
N ASN B 81 30.17 -0.10 31.95
CA ASN B 81 29.50 0.86 32.80
C ASN B 81 29.34 0.32 34.24
N GLY B 82 30.32 0.60 35.12
CA GLY B 82 30.24 0.13 36.50
C GLY B 82 29.60 1.16 37.41
N LYS B 83 29.21 0.75 38.62
CA LYS B 83 28.61 1.65 39.61
C LYS B 83 29.65 2.57 40.28
N ASP B 84 30.95 2.31 40.11
CA ASP B 84 31.97 3.18 40.74
C ASP B 84 32.75 3.84 39.68
N GLU B 85 33.32 3.02 38.83
CA GLU B 85 34.14 3.53 37.75
C GLU B 85 33.64 3.10 36.40
N GLN B 86 33.88 3.95 35.44
CA GLN B 86 33.58 3.72 34.07
C GLN B 86 34.94 3.30 33.53
N LYS B 87 35.00 2.40 32.59
CA LYS B 87 36.28 1.94 32.07
C LYS B 87 36.06 1.67 30.57
N VAL B 88 37.06 1.90 29.73
CA VAL B 88 36.91 1.69 28.30
C VAL B 88 37.91 0.74 27.75
N LEU B 89 37.47 -0.28 27.00
CA LEU B 89 38.38 -1.20 26.33
C LEU B 89 38.56 -0.62 24.95
N ASN B 90 39.76 -0.14 24.63
CA ASN B 90 40.00 0.43 23.33
C ASN B 90 40.39 -0.66 22.35
N LYS B 91 40.75 -0.28 21.13
CA LYS B 91 41.08 -1.26 20.11
C LYS B 91 42.20 -2.18 20.50
N GLU B 92 43.28 -1.63 21.05
CA GLU B 92 44.40 -2.52 21.41
C GLU B 92 43.97 -3.44 22.53
N ASP B 93 43.12 -2.95 23.45
CA ASP B 93 42.68 -3.81 24.56
C ASP B 93 41.83 -4.94 24.02
N LEU B 94 40.98 -4.61 23.00
CA LEU B 94 40.08 -5.65 22.47
C LEU B 94 40.92 -6.67 21.69
N GLU B 95 41.91 -6.21 20.92
CA GLU B 95 42.77 -7.14 20.19
C GLU B 95 43.50 -8.06 21.19
N SER B 96 43.93 -7.54 22.38
CA SER B 96 44.61 -8.40 23.36
C SER B 96 43.70 -9.39 23.87
N MET B 97 42.40 -9.08 23.88
CA MET B 97 41.44 -10.06 24.39
C MET B 97 41.09 -11.11 23.29
N GLY B 98 41.75 -11.03 22.12
CA GLY B 98 41.56 -12.03 21.07
C GLY B 98 40.62 -11.65 19.93
N LEU B 99 40.21 -10.38 19.82
CA LEU B 99 39.28 -10.02 18.74
C LEU B 99 40.00 -9.52 17.52
N ASN B 100 39.45 -9.80 16.34
CA ASN B 100 39.98 -9.22 15.11
C ASN B 100 38.84 -8.23 14.75
N LEU B 101 39.07 -6.93 14.99
CA LEU B 101 37.98 -5.95 14.86
C LEU B 101 37.27 -5.94 13.53
N LYS B 102 37.94 -6.23 12.43
CA LYS B 102 37.22 -6.28 11.16
C LYS B 102 36.11 -7.33 11.13
N ASP B 103 36.16 -8.36 12.03
CA ASP B 103 35.12 -9.36 12.01
C ASP B 103 33.74 -8.77 12.32
N TYR B 104 33.71 -7.62 12.98
CA TYR B 104 32.44 -6.99 13.36
C TYR B 104 31.99 -5.85 12.41
N ASP B 105 32.67 -5.67 11.27
CA ASP B 105 32.29 -4.59 10.34
C ASP B 105 30.84 -4.83 9.84
N VAL B 106 29.99 -3.80 9.90
CA VAL B 106 28.58 -3.93 9.46
C VAL B 106 28.42 -2.88 8.30
N THR B 107 27.92 -3.35 7.16
CA THR B 107 27.76 -2.46 6.01
C THR B 107 26.30 -1.99 5.94
N GLN B 108 26.15 -0.65 5.80
CA GLN B 108 24.86 -0.04 5.70
C GLN B 108 24.60 0.31 4.19
N GLU B 109 23.71 -0.48 3.52
CA GLU B 109 23.35 -0.27 2.10
C GLU B 109 22.11 0.63 2.04
N PHE B 110 21.69 1.05 0.85
CA PHE B 110 20.47 1.84 0.74
C PHE B 110 19.66 1.41 -0.47
N ILE B 111 18.36 1.69 -0.46
CA ILE B 111 17.47 1.38 -1.60
C ILE B 111 17.98 2.05 -2.87
N ILE B 112 18.06 1.32 -3.99
CA ILE B 112 18.57 1.89 -5.24
C ILE B 112 17.40 2.10 -6.23
N SER B 113 17.69 2.75 -7.36
CA SER B 113 16.75 3.06 -8.43
C SER B 113 17.12 2.30 -9.70
N ASP B 114 16.19 1.47 -10.21
CA ASP B 114 16.44 0.74 -11.46
C ASP B 114 16.44 1.75 -12.59
N ALA B 115 16.14 3.00 -12.23
CA ALA B 115 16.03 4.16 -13.08
C ALA B 115 17.35 4.75 -13.55
N ASN B 116 18.48 4.03 -13.41
CA ASN B 116 19.73 4.60 -13.91
C ASN B 116 19.63 4.77 -15.44
N SER B 117 18.94 3.82 -16.13
CA SER B 117 18.74 3.90 -17.58
C SER B 117 17.97 2.69 -18.16
N THR B 118 16.85 2.96 -18.83
CA THR B 118 15.97 1.99 -19.48
C THR B 118 15.32 2.74 -20.65
N LYS B 119 14.53 3.73 -20.24
CA LYS B 119 13.76 4.70 -21.00
C LYS B 119 13.15 5.50 -19.87
N ALA B 120 13.28 6.82 -19.87
CA ALA B 120 12.80 7.55 -18.70
C ALA B 120 11.44 8.20 -18.81
N VAL B 121 10.39 7.42 -18.56
CA VAL B 121 9.03 7.96 -18.51
C VAL B 121 8.82 8.22 -17.03
N ASN B 122 8.04 9.23 -16.65
CA ASN B 122 7.85 9.52 -15.23
C ASN B 122 7.06 8.44 -14.47
N GLU B 123 7.13 7.15 -14.87
CA GLU B 123 6.47 6.09 -14.12
C GLU B 123 7.51 5.01 -13.83
N TYR B 124 8.34 4.64 -14.82
CA TYR B 124 9.40 3.69 -14.49
C TYR B 124 10.46 4.50 -13.73
N MET B 125 10.20 5.83 -13.61
CA MET B 125 11.02 6.80 -12.91
C MET B 125 11.26 6.39 -11.46
N ARG B 126 10.27 6.51 -10.55
CA ARG B 126 10.54 6.10 -9.18
C ARG B 126 10.42 4.58 -8.95
N LYS B 127 11.24 3.79 -9.65
CA LYS B 127 11.23 2.37 -9.39
C LYS B 127 12.41 2.03 -8.45
N THR B 128 12.11 1.82 -7.18
CA THR B 128 13.13 1.49 -6.21
C THR B 128 13.29 -0.07 -5.99
N SER B 129 14.44 -0.46 -5.45
CA SER B 129 14.81 -1.83 -5.20
C SER B 129 15.44 -1.95 -3.78
N ALA B 130 15.04 -2.96 -2.92
CA ALA B 130 15.77 -3.15 -1.64
C ALA B 130 17.18 -3.60 -2.05
N PRO B 131 18.22 -3.26 -1.28
CA PRO B 131 19.59 -3.67 -1.64
C PRO B 131 19.73 -5.20 -1.62
N VAL B 132 20.50 -5.73 -2.54
CA VAL B 132 20.75 -7.17 -2.67
C VAL B 132 22.17 -7.52 -2.23
N LYS B 133 22.29 -8.49 -1.31
CA LYS B 133 23.60 -8.98 -0.90
C LYS B 133 23.70 -10.37 -1.54
N LYS B 134 24.63 -10.64 -2.44
CA LYS B 134 24.74 -11.96 -3.06
C LYS B 134 25.68 -12.87 -2.24
N LEU B 135 25.25 -14.08 -1.90
CA LEU B 135 26.08 -15.04 -1.15
C LEU B 135 26.19 -16.22 -2.11
N ALA B 136 27.27 -16.27 -2.86
CA ALA B 136 27.36 -17.28 -3.91
C ALA B 136 28.81 -17.56 -4.30
N GLY B 137 29.05 -18.75 -4.77
CA GLY B 137 30.37 -19.09 -5.28
C GLY B 137 30.19 -19.95 -6.51
N ALA B 138 31.29 -20.43 -7.06
CA ALA B 138 31.27 -21.25 -8.27
C ALA B 138 30.39 -22.49 -8.14
N THR B 139 30.38 -23.16 -6.97
CA THR B 139 29.50 -24.34 -6.80
C THR B 139 28.84 -24.26 -5.41
N ARG B 140 27.94 -25.20 -5.14
CA ARG B 140 27.26 -25.26 -3.87
C ARG B 140 28.26 -25.22 -2.70
N PHE B 141 29.48 -25.79 -2.85
CA PHE B 141 30.47 -25.76 -1.73
C PHE B 141 30.95 -24.38 -1.41
N GLU B 142 31.24 -23.58 -2.45
CA GLU B 142 31.67 -22.22 -2.19
C GLU B 142 30.49 -21.32 -1.77
N THR B 143 29.26 -21.62 -2.24
CA THR B 143 28.13 -20.82 -1.80
C THR B 143 28.00 -21.04 -0.27
N ALA B 144 28.15 -22.28 0.18
CA ALA B 144 28.02 -22.50 1.64
C ALA B 144 29.08 -21.74 2.39
N VAL B 145 30.30 -21.64 1.84
CA VAL B 145 31.34 -20.90 2.53
C VAL B 145 30.99 -19.39 2.60
N GLU B 146 30.43 -18.81 1.50
CA GLU B 146 30.04 -17.39 1.59
C GLU B 146 28.94 -17.18 2.65
N ILE B 147 28.00 -18.11 2.80
CA ILE B 147 26.95 -17.98 3.86
C ILE B 147 27.62 -18.06 5.24
N SER B 148 28.57 -18.99 5.38
CA SER B 148 29.29 -19.16 6.65
C SER B 148 30.03 -17.85 7.00
N LYS B 149 30.72 -17.24 6.04
CA LYS B 149 31.44 -15.99 6.32
C LYS B 149 30.47 -14.84 6.68
N GLN B 150 29.24 -14.91 6.14
CA GLN B 150 28.28 -13.86 6.45
C GLN B 150 27.81 -13.89 7.92
N GLY B 151 27.47 -15.05 8.47
CA GLY B 151 26.93 -15.05 9.82
C GLY B 151 27.92 -15.48 10.89
N TRP B 152 29.08 -15.99 10.46
CA TRP B 152 30.12 -16.53 11.40
C TRP B 152 31.51 -16.01 11.02
N LYS B 153 31.57 -14.71 10.78
CA LYS B 153 32.80 -14.08 10.41
C LYS B 153 33.84 -14.22 11.55
N ASP B 154 33.39 -14.12 12.79
CA ASP B 154 34.29 -14.23 13.94
C ASP B 154 34.50 -15.74 14.31
N GLY B 155 34.05 -16.71 13.50
CA GLY B 155 34.27 -18.14 13.82
C GLY B 155 33.06 -18.83 14.35
N SER B 156 33.16 -20.17 14.64
CA SER B 156 32.04 -20.90 15.21
C SER B 156 32.62 -22.11 15.99
N SER B 157 32.15 -22.38 17.19
CA SER B 157 32.72 -23.50 17.91
C SER B 157 32.22 -24.82 17.34
N LYS B 158 31.03 -24.85 16.69
CA LYS B 158 30.52 -26.05 16.05
C LYS B 158 30.29 -25.81 14.53
N VAL B 159 30.40 -26.86 13.73
CA VAL B 159 30.13 -26.80 12.28
C VAL B 159 29.36 -28.03 11.95
N VAL B 160 28.25 -27.89 11.20
CA VAL B 160 27.48 -29.04 10.79
C VAL B 160 27.91 -29.45 9.40
N ILE B 161 28.01 -30.74 9.09
CA ILE B 161 28.47 -31.15 7.75
C ILE B 161 27.45 -32.04 7.13
N VAL B 162 27.13 -31.78 5.86
CA VAL B 162 26.19 -32.61 5.11
C VAL B 162 26.83 -32.99 3.77
N ASN B 163 26.40 -34.07 3.13
CA ASN B 163 26.97 -34.42 1.84
C ASN B 163 26.34 -33.42 0.78
N GLY B 164 27.13 -32.64 0.09
CA GLY B 164 26.57 -31.64 -0.81
C GLY B 164 25.85 -32.20 -2.03
N GLU B 165 26.26 -33.39 -2.49
CA GLU B 165 25.65 -33.99 -3.66
C GLU B 165 24.41 -34.79 -3.30
N LEU B 166 24.23 -35.20 -2.06
CA LEU B 166 23.05 -35.89 -1.54
C LEU B 166 22.35 -34.92 -0.53
N ALA B 167 22.20 -33.64 -0.86
CA ALA B 167 21.62 -32.62 0.02
C ALA B 167 20.33 -33.02 0.75
N ALA B 168 19.39 -33.79 0.12
CA ALA B 168 18.13 -34.17 0.78
C ALA B 168 18.41 -34.71 2.18
N ASP B 169 19.64 -35.15 2.40
CA ASP B 169 20.14 -35.59 3.69
C ASP B 169 19.97 -34.51 4.80
N GLY B 170 20.22 -33.23 4.48
CA GLY B 170 20.15 -32.14 5.45
C GLY B 170 18.87 -31.35 5.43
N ILE B 171 17.80 -31.92 4.89
CA ILE B 171 16.57 -31.11 4.86
C ILE B 171 16.04 -30.94 6.27
N THR B 172 16.54 -31.69 7.30
CA THR B 172 16.03 -31.43 8.66
C THR B 172 17.20 -30.91 9.54
N ALA B 173 18.37 -30.63 8.94
CA ALA B 173 19.50 -30.16 9.73
C ALA B 173 19.43 -28.73 10.15
N THR B 174 18.59 -27.83 9.47
CA THR B 174 18.63 -26.43 9.91
C THR B 174 18.29 -26.17 11.38
N PRO B 175 17.21 -26.78 11.92
CA PRO B 175 16.87 -26.56 13.37
C PRO B 175 18.05 -26.97 14.33
N LEU B 176 18.78 -28.01 13.96
CA LEU B 176 19.95 -28.43 14.80
C LEU B 176 21.06 -27.45 14.66
N ALA B 177 21.41 -27.05 13.40
CA ALA B 177 22.45 -26.07 13.25
C ALA B 177 22.10 -24.79 14.00
N SER B 178 20.82 -24.37 13.96
N SER B 178 20.84 -24.36 13.95
CA SER B 178 20.38 -23.15 14.66
CA SER B 178 20.40 -23.15 14.68
C SER B 178 20.53 -23.31 16.19
C SER B 178 20.60 -23.38 16.20
N THR B 179 20.17 -24.48 16.70
CA THR B 179 20.34 -24.78 18.13
C THR B 179 21.83 -24.69 18.48
N TYR B 180 22.72 -25.13 17.56
CA TYR B 180 24.16 -25.05 17.81
C TYR B 180 24.76 -23.70 17.54
N ASP B 181 23.96 -22.78 16.91
CA ASP B 181 24.48 -21.50 16.42
C ASP B 181 25.66 -21.78 15.50
N ALA B 182 25.47 -22.68 14.56
CA ALA B 182 26.53 -23.10 13.63
C ALA B 182 26.10 -23.04 12.15
N PRO B 183 27.06 -22.92 11.22
CA PRO B 183 26.72 -22.91 9.78
C PRO B 183 26.72 -24.36 9.32
N ILE B 184 26.22 -24.63 8.11
CA ILE B 184 26.27 -25.97 7.50
C ILE B 184 27.28 -25.87 6.38
N LEU B 185 28.31 -26.74 6.37
CA LEU B 185 29.28 -26.76 5.27
C LEU B 185 29.12 -28.07 4.57
N LEU B 186 29.66 -28.21 3.35
CA LEU B 186 29.35 -29.43 2.61
C LEU B 186 30.58 -30.36 2.35
N ALA B 187 30.33 -31.65 2.33
CA ALA B 187 31.37 -32.64 2.03
C ALA B 187 30.99 -33.47 0.83
N ASN B 188 31.92 -34.28 0.34
CA ASN B 188 31.63 -35.31 -0.65
C ASN B 188 31.67 -36.62 0.21
N LYS B 189 31.36 -37.78 -0.35
CA LYS B 189 31.38 -39.02 0.48
C LYS B 189 32.73 -39.34 1.06
N ASP B 190 33.79 -39.25 0.24
CA ASP B 190 35.15 -39.62 0.70
C ASP B 190 36.11 -38.47 0.87
N ASP B 191 35.66 -37.22 0.77
CA ASP B 191 36.60 -36.11 0.94
C ASP B 191 35.86 -34.79 1.19
N ILE B 192 36.61 -33.76 1.53
CA ILE B 192 36.02 -32.43 1.62
C ILE B 192 36.83 -31.64 0.65
N PRO B 193 36.18 -30.85 -0.20
CA PRO B 193 36.95 -30.04 -1.16
C PRO B 193 37.75 -28.99 -0.41
N GLU B 194 38.68 -28.33 -1.09
CA GLU B 194 39.54 -27.33 -0.49
C GLU B 194 38.72 -26.13 0.06
N SER B 195 37.58 -25.80 -0.59
CA SER B 195 36.76 -24.68 -0.12
C SER B 195 36.28 -25.00 1.31
N THR B 196 35.72 -26.16 1.50
CA THR B 196 35.26 -26.53 2.84
C THR B 196 36.44 -26.66 3.83
N LYS B 197 37.54 -27.25 3.36
CA LYS B 197 38.71 -27.39 4.21
C LYS B 197 39.16 -26.07 4.74
N ALA B 198 39.35 -25.09 3.85
CA ALA B 198 39.83 -23.76 4.26
C ALA B 198 38.81 -23.03 5.16
N GLU B 199 37.49 -23.27 4.94
CA GLU B 199 36.50 -22.57 5.81
C GLU B 199 36.47 -23.23 7.20
N LEU B 200 36.64 -24.57 7.26
CA LEU B 200 36.71 -25.16 8.59
C LEU B 200 37.88 -24.54 9.38
N LYS B 201 39.03 -24.39 8.71
CA LYS B 201 40.19 -23.84 9.40
C LYS B 201 39.91 -22.43 9.81
N ARG B 202 39.27 -21.66 8.89
CA ARG B 202 38.95 -20.26 9.23
C ARG B 202 37.98 -20.19 10.45
N LEU B 203 36.95 -21.05 10.52
CA LEU B 203 36.01 -21.01 11.62
C LEU B 203 36.62 -21.46 12.95
N ASN B 204 37.68 -22.29 12.85
CA ASN B 204 38.37 -22.79 14.06
C ASN B 204 37.42 -23.45 15.02
N PRO B 205 36.66 -24.44 14.58
CA PRO B 205 35.74 -25.07 15.52
C PRO B 205 36.43 -26.07 16.50
N SER B 206 35.67 -26.53 17.51
CA SER B 206 36.10 -27.57 18.47
C SER B 206 35.37 -28.85 18.12
N ASP B 207 34.19 -28.69 17.50
CA ASP B 207 33.36 -29.83 17.18
C ASP B 207 32.76 -29.76 15.79
N VAL B 208 32.71 -30.89 15.11
CA VAL B 208 32.09 -30.98 13.80
C VAL B 208 31.07 -32.04 13.91
N ILE B 209 29.83 -31.75 13.46
CA ILE B 209 28.76 -32.73 13.54
C ILE B 209 28.40 -33.17 12.18
N ILE B 210 28.47 -34.47 11.88
CA ILE B 210 28.17 -34.99 10.57
C ILE B 210 26.75 -35.47 10.51
N ILE B 211 26.00 -35.08 9.44
CA ILE B 211 24.62 -35.55 9.32
C ILE B 211 24.61 -36.66 8.30
N GLY B 212 24.13 -37.86 8.66
CA GLY B 212 24.05 -38.93 7.68
C GLY B 212 24.90 -40.14 8.12
N ASP B 213 24.58 -41.30 7.55
CA ASP B 213 25.29 -42.53 7.85
C ASP B 213 26.56 -42.56 7.00
N ASP B 214 27.18 -43.72 7.05
CA ASP B 214 28.41 -44.09 6.38
C ASP B 214 28.33 -44.04 4.89
N GLY B 215 27.17 -44.34 4.35
CA GLY B 215 26.98 -44.24 2.92
C GLY B 215 26.96 -42.80 2.45
N SER B 216 26.61 -41.82 3.33
CA SER B 216 26.57 -40.39 2.93
C SER B 216 27.90 -39.70 3.13
N VAL B 217 28.52 -39.82 4.30
CA VAL B 217 29.82 -39.18 4.55
C VAL B 217 30.69 -40.30 5.21
N SER B 218 31.67 -40.81 4.49
CA SER B 218 32.44 -41.97 5.01
C SER B 218 33.58 -41.60 5.93
N GLN B 219 34.24 -42.65 6.47
CA GLN B 219 35.37 -42.47 7.35
C GLN B 219 36.49 -41.74 6.62
N LYS B 220 36.61 -41.91 5.31
CA LYS B 220 37.65 -41.18 4.57
C LYS B 220 37.41 -39.66 4.71
N ALA B 221 36.15 -39.21 4.52
CA ALA B 221 35.76 -37.79 4.68
C ALA B 221 36.07 -37.36 6.11
N VAL B 222 35.69 -38.19 7.10
CA VAL B 222 35.98 -37.83 8.50
C VAL B 222 37.47 -37.60 8.73
N SER B 223 38.38 -38.47 8.16
CA SER B 223 39.83 -38.24 8.42
C SER B 223 40.28 -36.97 7.82
N GLN B 224 39.78 -36.63 6.61
CA GLN B 224 40.17 -35.37 6.00
C GLN B 224 39.74 -34.22 6.88
N ILE B 225 38.53 -34.32 7.48
CA ILE B 225 38.10 -33.23 8.32
C ILE B 225 39.04 -33.12 9.49
N LYS B 226 39.37 -34.29 10.10
CA LYS B 226 40.24 -34.29 11.28
C LYS B 226 41.70 -33.89 10.97
N SER B 227 42.16 -34.01 9.70
CA SER B 227 43.49 -33.53 9.37
C SER B 227 43.45 -32.01 9.26
N ALA B 228 42.34 -31.46 8.75
CA ALA B 228 42.21 -30.02 8.59
C ALA B 228 42.07 -29.30 9.95
N VAL B 229 41.30 -29.87 10.86
CA VAL B 229 41.10 -29.17 12.11
C VAL B 229 41.08 -30.12 13.27
N ASN B 230 41.53 -29.65 14.44
CA ASN B 230 41.52 -30.54 15.59
C ASN B 230 40.20 -30.49 16.29
N VAL B 231 39.35 -31.46 16.02
CA VAL B 231 38.03 -31.41 16.60
C VAL B 231 37.50 -32.77 17.04
N ASN B 232 36.45 -32.73 17.83
CA ASN B 232 35.72 -33.94 18.15
C ASN B 232 34.64 -34.06 17.07
N VAL B 233 34.56 -35.20 16.40
CA VAL B 233 33.58 -35.44 15.37
C VAL B 233 32.46 -36.25 15.92
N THR B 234 31.21 -35.78 15.79
CA THR B 234 30.01 -36.50 16.19
C THR B 234 29.20 -36.83 14.93
N ARG B 235 28.52 -37.97 14.86
CA ARG B 235 27.69 -38.30 13.72
C ARG B 235 26.27 -38.51 14.18
N ILE B 236 25.29 -37.95 13.45
CA ILE B 236 23.86 -38.13 13.71
C ILE B 236 23.34 -38.71 12.41
N GLY B 237 22.99 -39.98 12.39
CA GLY B 237 22.56 -40.60 11.13
C GLY B 237 21.83 -41.88 11.42
N GLY B 238 20.62 -41.99 10.93
CA GLY B 238 19.84 -43.18 11.16
C GLY B 238 19.90 -44.07 9.95
N VAL B 239 19.09 -45.12 9.95
CA VAL B 239 19.15 -46.08 8.86
C VAL B 239 18.42 -45.53 7.63
N ASP B 240 17.57 -44.50 7.84
CA ASP B 240 16.88 -43.86 6.72
C ASP B 240 16.65 -42.40 7.09
N ARG B 241 16.21 -41.54 6.17
CA ARG B 241 16.04 -40.11 6.53
C ARG B 241 15.01 -39.91 7.63
N HIS B 242 14.00 -40.76 7.71
CA HIS B 242 12.98 -40.61 8.76
C HIS B 242 13.63 -40.80 10.15
N GLU B 243 14.47 -41.83 10.30
CA GLU B 243 15.11 -42.06 11.61
C GLU B 243 16.12 -40.94 11.84
N THR B 244 16.82 -40.48 10.76
CA THR B 244 17.77 -39.38 10.98
C THR B 244 17.01 -38.16 11.49
N SER B 245 15.77 -37.88 11.01
CA SER B 245 15.07 -36.69 11.56
C SER B 245 14.72 -36.91 13.01
N LEU B 246 14.39 -38.14 13.41
CA LEU B 246 14.11 -38.41 14.85
C LEU B 246 15.36 -38.20 15.68
N LEU B 247 16.50 -38.74 15.21
CA LEU B 247 17.75 -38.55 15.96
C LEU B 247 18.10 -37.09 16.09
N ILE B 248 17.78 -36.26 15.03
CA ILE B 248 18.09 -34.88 15.16
C ILE B 248 17.20 -34.23 16.20
N ALA B 249 15.94 -34.61 16.20
CA ALA B 249 14.99 -34.04 17.13
C ALA B 249 15.40 -34.40 18.62
N LYS B 250 15.89 -35.62 18.81
CA LYS B 250 16.37 -36.06 20.14
C LYS B 250 17.60 -35.24 20.53
N GLU B 251 18.44 -34.91 19.54
CA GLU B 251 19.62 -34.10 19.84
C GLU B 251 19.18 -32.69 20.25
N ILE B 252 18.22 -32.10 19.50
CA ILE B 252 17.77 -30.76 19.88
C ILE B 252 17.21 -30.79 21.34
N ASP B 253 16.48 -31.82 21.68
CA ASP B 253 15.85 -31.93 23.01
C ASP B 253 16.90 -31.97 24.13
N LYS B 254 18.14 -32.32 23.84
CA LYS B 254 19.17 -32.30 24.87
C LYS B 254 19.50 -30.87 25.25
N TYR B 255 19.24 -29.89 24.34
CA TYR B 255 19.58 -28.49 24.62
C TYR B 255 18.42 -27.70 25.11
N HIS B 256 17.21 -27.99 24.64
CA HIS B 256 16.07 -27.28 25.13
C HIS B 256 14.86 -28.13 24.82
N ASP B 257 13.76 -27.89 25.46
CA ASP B 257 12.58 -28.70 25.23
C ASP B 257 11.98 -28.62 23.83
N VAL B 258 11.62 -29.77 23.29
CA VAL B 258 10.93 -29.84 22.03
C VAL B 258 9.46 -29.87 22.34
N ASN B 259 8.70 -28.85 21.92
CA ASN B 259 7.26 -28.88 22.20
C ASN B 259 6.45 -28.56 20.94
N LYS B 260 7.13 -28.42 19.81
CA LYS B 260 6.46 -28.12 18.54
C LYS B 260 7.16 -28.89 17.42
N ILE B 261 6.41 -29.47 16.48
CA ILE B 261 7.06 -30.15 15.36
C ILE B 261 6.46 -29.65 14.06
N TYR B 262 7.24 -29.73 13.00
CA TYR B 262 6.80 -29.40 11.65
C TYR B 262 6.97 -30.68 10.87
N ILE B 263 5.92 -31.25 10.31
CA ILE B 263 6.07 -32.54 9.66
C ILE B 263 6.03 -32.45 8.14
N ALA B 264 6.86 -33.25 7.46
CA ALA B 264 6.85 -33.33 6.02
C ALA B 264 7.00 -34.75 5.63
N ASN B 265 6.58 -35.10 4.42
CA ASN B 265 6.72 -36.46 3.93
C ASN B 265 8.19 -36.62 3.56
N GLY B 266 8.90 -37.62 4.09
CA GLY B 266 10.34 -37.74 3.79
C GLY B 266 10.70 -37.92 2.31
N TYR B 267 10.10 -38.89 1.63
CA TYR B 267 10.48 -39.14 0.22
C TYR B 267 9.66 -38.28 -0.76
N ALA B 268 8.41 -37.97 -0.43
CA ALA B 268 7.49 -37.17 -1.25
C ALA B 268 7.45 -35.71 -0.93
N GLY B 269 7.99 -35.25 0.20
CA GLY B 269 7.92 -33.84 0.55
C GLY B 269 9.25 -33.19 0.85
N GLU B 270 10.28 -33.51 0.04
CA GLU B 270 11.57 -32.86 0.30
C GLU B 270 11.42 -31.36 0.22
N TYR B 271 10.57 -30.84 -0.74
CA TYR B 271 10.47 -29.36 -0.76
C TYR B 271 9.56 -28.85 0.39
N ASP B 272 8.66 -29.68 0.91
CA ASP B 272 7.89 -29.24 2.08
C ASP B 272 8.85 -29.01 3.30
N ALA B 273 9.81 -29.98 3.51
CA ALA B 273 10.79 -29.82 4.59
C ALA B 273 11.66 -28.58 4.33
N LEU B 274 12.13 -28.43 3.10
CA LEU B 274 12.94 -27.25 2.75
C LEU B 274 12.16 -25.95 3.03
N ASN B 275 10.88 -25.93 2.60
CA ASN B 275 10.05 -24.71 2.73
C ASN B 275 9.83 -24.31 4.15
N ILE B 276 9.74 -25.30 5.09
CA ILE B 276 9.57 -24.86 6.48
C ILE B 276 10.94 -24.72 7.21
N SER B 277 12.07 -24.99 6.54
CA SER B 277 13.38 -24.93 7.26
C SER B 277 13.71 -23.68 7.94
N SER B 278 13.53 -22.47 7.30
CA SER B 278 13.94 -21.30 8.05
C SER B 278 13.09 -21.07 9.28
N LYS B 279 11.81 -21.42 9.24
CA LYS B 279 10.93 -21.18 10.40
C LYS B 279 11.24 -22.20 11.54
N ALA B 280 11.40 -23.46 11.19
CA ALA B 280 11.74 -24.48 12.19
C ALA B 280 13.12 -24.05 12.74
N GLY B 281 14.01 -23.49 11.88
CA GLY B 281 15.32 -23.04 12.34
C GLY B 281 15.22 -21.88 13.34
N GLU B 282 14.40 -20.85 13.02
CA GLU B 282 14.24 -19.72 13.93
C GLU B 282 13.68 -20.24 15.28
N ASP B 283 12.70 -21.11 15.23
CA ASP B 283 12.09 -21.63 16.46
C ASP B 283 13.00 -22.63 17.17
N GLN B 284 14.01 -23.20 16.46
CA GLN B 284 14.86 -24.28 17.03
C GLN B 284 13.99 -25.42 17.45
N GLN B 285 12.99 -25.77 16.65
CA GLN B 285 12.08 -26.92 16.91
C GLN B 285 12.22 -27.80 15.69
N PRO B 286 12.14 -29.11 15.85
CA PRO B 286 12.32 -30.00 14.70
C PRO B 286 11.36 -30.18 13.57
N ILE B 287 12.00 -30.58 12.44
CA ILE B 287 11.23 -31.00 11.30
C ILE B 287 11.21 -32.51 11.40
N ILE B 288 10.04 -33.12 11.44
CA ILE B 288 9.89 -34.57 11.56
C ILE B 288 9.46 -35.13 10.23
N LEU B 289 10.19 -36.14 9.71
CA LEU B 289 9.80 -36.70 8.43
C LEU B 289 8.88 -37.88 8.64
N ALA B 290 7.86 -38.00 7.80
CA ALA B 290 6.84 -39.01 7.93
C ALA B 290 6.55 -39.75 6.66
N ASN B 291 5.73 -40.78 6.77
CA ASN B 291 5.20 -41.46 5.58
C ASN B 291 3.84 -40.75 5.34
N LYS B 292 3.15 -41.05 4.26
CA LYS B 292 1.88 -40.42 3.94
C LYS B 292 0.79 -40.56 5.03
N ASP B 293 0.65 -41.77 5.58
CA ASP B 293 -0.41 -42.07 6.53
C ASP B 293 -0.01 -42.09 7.95
N SER B 294 1.28 -41.87 8.25
CA SER B 294 1.71 -41.92 9.64
C SER B 294 3.18 -41.62 9.78
N VAL B 295 3.62 -41.23 11.00
CA VAL B 295 5.05 -41.08 11.23
C VAL B 295 5.49 -42.48 11.60
N PRO B 296 6.74 -42.90 11.32
CA PRO B 296 7.08 -44.28 11.70
C PRO B 296 6.85 -44.53 13.22
N GLN B 297 6.70 -45.83 13.62
CA GLN B 297 6.43 -46.15 15.02
C GLN B 297 7.48 -45.59 15.97
N GLY B 298 8.77 -45.71 15.58
CA GLY B 298 9.83 -45.24 16.44
C GLY B 298 9.70 -43.78 16.77
N THR B 299 9.37 -43.00 15.73
CA THR B 299 9.22 -41.58 15.90
C THR B 299 7.98 -41.28 16.72
N TYR B 300 6.91 -41.94 16.38
CA TYR B 300 5.66 -41.71 17.08
C TYR B 300 5.81 -42.03 18.59
N ASN B 301 6.52 -43.10 18.88
CA ASN B 301 6.75 -43.46 20.27
C ASN B 301 7.45 -42.30 21.00
N TRP B 302 8.51 -41.75 20.40
CA TRP B 302 9.21 -40.63 21.05
C TRP B 302 8.31 -39.39 21.12
N LEU B 303 7.55 -39.08 20.04
CA LEU B 303 6.71 -37.89 20.08
C LEU B 303 5.65 -37.96 21.21
N SER B 304 5.04 -39.13 21.40
CA SER B 304 4.06 -39.38 22.48
C SER B 304 4.54 -38.88 23.88
N SER B 305 5.83 -38.99 24.19
CA SER B 305 6.38 -38.59 25.50
C SER B 305 6.75 -37.13 25.61
N GLN B 306 6.72 -36.38 24.52
CA GLN B 306 7.20 -35.01 24.59
C GLN B 306 6.18 -33.97 25.02
N GLY B 307 4.90 -34.32 25.21
CA GLY B 307 3.94 -33.31 25.65
C GLY B 307 3.94 -32.16 24.66
N LEU B 308 3.83 -32.50 23.38
CA LEU B 308 3.82 -31.50 22.30
C LEU B 308 2.70 -30.48 22.45
N GLU B 309 3.05 -29.21 22.39
CA GLU B 309 2.06 -28.16 22.42
C GLU B 309 1.46 -27.97 21.02
N GLU B 310 2.32 -28.11 19.95
CA GLU B 310 1.84 -27.89 18.59
C GLU B 310 2.44 -28.80 17.54
N ALA B 311 1.66 -29.11 16.54
CA ALA B 311 2.15 -29.88 15.41
C ALA B 311 1.60 -29.21 14.14
N TYR B 312 2.44 -29.04 13.11
CA TYR B 312 2.07 -28.47 11.81
C TYR B 312 2.35 -29.50 10.74
N TYR B 313 1.54 -29.52 9.69
CA TYR B 313 1.70 -30.47 8.62
C TYR B 313 2.02 -29.67 7.35
N ILE B 314 3.22 -29.81 6.82
CA ILE B 314 3.60 -29.07 5.59
C ILE B 314 3.44 -30.04 4.43
N GLY B 315 2.41 -29.82 3.61
CA GLY B 315 2.17 -30.75 2.50
C GLY B 315 0.67 -30.88 2.32
N GLY B 316 0.24 -31.33 1.14
CA GLY B 316 -1.18 -31.51 0.88
C GLY B 316 -1.59 -32.92 1.18
N SER B 317 -2.88 -33.24 0.99
CA SER B 317 -3.36 -34.57 1.33
C SER B 317 -2.69 -35.68 0.51
N GLN B 318 -2.17 -35.37 -0.63
CA GLN B 318 -1.48 -36.40 -1.41
C GLN B 318 -0.14 -36.80 -0.73
N SER B 319 0.47 -35.87 0.08
CA SER B 319 1.74 -36.12 0.78
C SER B 319 1.55 -36.51 2.25
N LEU B 320 0.58 -35.88 2.92
CA LEU B 320 0.28 -36.15 4.31
C LEU B 320 -1.27 -36.27 4.37
N SER B 321 -1.77 -37.51 4.46
CA SER B 321 -3.22 -37.77 4.49
C SER B 321 -3.81 -37.42 5.84
N SER B 322 -5.14 -37.43 5.92
CA SER B 322 -5.83 -37.13 7.16
C SER B 322 -5.48 -38.16 8.23
N LYS B 323 -5.00 -39.34 7.81
CA LYS B 323 -4.64 -40.39 8.75
C LYS B 323 -3.44 -39.93 9.61
N ILE B 324 -2.46 -39.18 9.03
CA ILE B 324 -1.35 -38.74 9.87
C ILE B 324 -1.82 -37.62 10.78
N ILE B 325 -2.75 -36.78 10.28
CA ILE B 325 -3.25 -35.71 11.13
C ILE B 325 -4.03 -36.35 12.32
N ASP B 326 -4.80 -37.40 12.03
CA ASP B 326 -5.56 -38.11 13.06
C ASP B 326 -4.58 -38.66 14.11
N GLN B 327 -3.49 -39.27 13.65
CA GLN B 327 -2.49 -39.87 14.55
C GLN B 327 -1.78 -38.86 15.47
N ILE B 328 -1.31 -37.75 14.90
CA ILE B 328 -0.57 -36.78 15.68
C ILE B 328 -1.45 -35.84 16.48
N SER B 329 -2.69 -35.58 15.98
CA SER B 329 -3.65 -34.74 16.67
C SER B 329 -3.87 -35.30 18.11
N LYS B 330 -3.89 -36.64 18.23
CA LYS B 330 -4.03 -37.34 19.53
C LYS B 330 -2.93 -36.94 20.47
N ILE B 331 -1.69 -36.67 19.97
CA ILE B 331 -0.59 -36.36 20.89
C ILE B 331 -0.07 -34.95 20.87
N ALA B 332 -0.83 -33.98 20.41
CA ALA B 332 -0.38 -32.60 20.42
C ALA B 332 -1.54 -31.74 20.88
N LYS B 333 -1.29 -30.77 21.77
CA LYS B 333 -2.38 -29.92 22.24
C LYS B 333 -3.05 -29.24 21.05
N ASN B 334 -2.26 -28.75 20.08
CA ASN B 334 -2.83 -28.12 18.91
C ASN B 334 -2.22 -28.75 17.65
N GLY B 335 -2.91 -29.78 17.12
CA GLY B 335 -2.42 -30.51 15.96
C GLY B 335 -3.51 -30.96 15.03
N THR B 336 -4.56 -30.14 14.87
CA THR B 336 -5.68 -30.50 13.98
C THR B 336 -5.36 -30.05 12.55
N SER B 337 -6.25 -30.37 11.58
CA SER B 337 -6.10 -30.02 10.17
C SER B 337 -5.97 -28.53 9.97
N LYS B 338 -6.26 -27.71 10.99
CA LYS B 338 -6.11 -26.28 10.85
C LYS B 338 -4.63 -25.93 10.71
N ASN B 339 -3.75 -26.82 11.17
CA ASN B 339 -2.32 -26.57 11.14
C ASN B 339 -1.65 -27.13 9.86
N ARG B 340 -2.45 -27.49 8.85
CA ARG B 340 -1.89 -27.93 7.58
C ARG B 340 -1.54 -26.68 6.75
N VAL B 341 -0.36 -26.66 6.11
CA VAL B 341 0.04 -25.53 5.26
C VAL B 341 0.33 -26.26 3.95
N SER B 342 -0.38 -25.97 2.86
CA SER B 342 -0.07 -26.76 1.68
C SER B 342 0.07 -25.84 0.50
N GLY B 343 -0.05 -26.38 -0.71
CA GLY B 343 0.10 -25.58 -1.91
C GLY B 343 0.05 -26.56 -3.06
N ALA B 344 -0.22 -26.05 -4.26
CA ALA B 344 -0.32 -26.91 -5.45
C ALA B 344 1.03 -27.42 -5.89
N ASP B 345 2.12 -26.70 -5.54
CA ASP B 345 3.46 -27.14 -5.90
C ASP B 345 4.44 -26.47 -4.89
N ARG B 346 5.77 -26.69 -5.06
CA ARG B 346 6.75 -26.15 -4.09
C ARG B 346 6.68 -24.63 -3.97
N HIS B 347 6.26 -23.92 -5.05
CA HIS B 347 6.21 -22.47 -4.92
C HIS B 347 4.98 -21.98 -4.17
N GLU B 348 3.79 -22.57 -4.41
CA GLU B 348 2.65 -22.13 -3.64
C GLU B 348 2.85 -22.53 -2.15
N THR B 349 3.51 -23.67 -1.90
CA THR B 349 3.72 -24.05 -0.52
C THR B 349 4.69 -23.08 0.12
N ASN B 350 5.72 -22.68 -0.60
CA ASN B 350 6.67 -21.70 -0.08
C ASN B 350 5.91 -20.39 0.25
N ALA B 351 5.05 -19.93 -0.70
CA ALA B 351 4.32 -18.69 -0.43
C ALA B 351 3.35 -18.85 0.78
N ASN B 352 2.68 -20.00 0.92
CA ASN B 352 1.77 -20.21 2.05
C ASN B 352 2.56 -20.28 3.36
N VAL B 353 3.80 -20.86 3.31
CA VAL B 353 4.62 -20.82 4.53
C VAL B 353 4.97 -19.41 4.93
N ILE B 354 5.39 -18.59 3.96
CA ILE B 354 5.75 -17.24 4.29
C ILE B 354 4.51 -16.47 4.78
N LYS B 355 3.38 -16.66 4.12
CA LYS B 355 2.14 -15.97 4.53
C LYS B 355 1.75 -16.35 5.98
N THR B 356 1.83 -17.62 6.31
CA THR B 356 1.40 -18.14 7.63
C THR B 356 2.39 -17.87 8.71
N PHE B 357 3.69 -18.14 8.45
CA PHE B 357 4.69 -18.06 9.54
C PHE B 357 5.49 -16.81 9.60
N TYR B 358 5.38 -15.92 8.59
CA TYR B 358 6.03 -14.64 8.64
C TYR B 358 4.96 -13.58 8.34
N PRO B 359 4.02 -13.43 9.29
CA PRO B 359 2.91 -12.47 9.16
C PRO B 359 3.27 -11.02 9.13
N ASP B 360 4.42 -10.57 9.61
CA ASP B 360 4.65 -9.13 9.61
C ASP B 360 4.69 -8.55 8.22
N LYS B 361 4.26 -7.31 8.07
CA LYS B 361 4.31 -6.65 6.77
C LYS B 361 5.74 -6.15 6.47
N GLU B 362 6.56 -5.91 7.52
CA GLU B 362 7.91 -5.40 7.36
C GLU B 362 8.90 -6.48 7.82
N LEU B 363 9.53 -7.12 6.87
CA LEU B 363 10.50 -8.17 7.24
C LEU B 363 11.85 -7.56 7.39
N SER B 364 12.73 -8.20 8.18
CA SER B 364 14.06 -7.65 8.28
C SER B 364 14.88 -8.07 7.03
N ALA B 365 14.45 -9.11 6.36
CA ALA B 365 15.18 -9.61 5.22
C ALA B 365 14.40 -10.66 4.50
N MET B 366 14.84 -11.00 3.29
CA MET B 366 14.28 -12.12 2.57
C MET B 366 15.44 -12.81 1.91
N LEU B 367 15.60 -14.13 2.04
CA LEU B 367 16.73 -14.79 1.38
C LEU B 367 16.11 -15.51 0.20
N VAL B 368 16.69 -15.38 -0.99
CA VAL B 368 16.07 -15.97 -2.17
C VAL B 368 16.96 -17.01 -2.78
N ALA B 369 16.43 -18.24 -2.94
CA ALA B 369 17.21 -19.29 -3.51
C ALA B 369 16.47 -19.90 -4.73
N LYS B 370 17.21 -20.60 -5.58
CA LYS B 370 16.59 -21.29 -6.70
C LYS B 370 15.79 -22.46 -6.27
N SER B 371 14.63 -22.69 -6.90
CA SER B 371 13.82 -23.80 -6.40
C SER B 371 14.10 -25.08 -7.12
N ASP B 372 15.08 -25.08 -8.04
CA ASP B 372 15.32 -26.33 -8.77
C ASP B 372 16.34 -27.21 -8.09
N ILE B 373 16.95 -26.77 -7.00
CA ILE B 373 17.86 -27.65 -6.25
C ILE B 373 17.50 -27.55 -4.77
N ILE B 374 17.96 -28.45 -3.98
CA ILE B 374 17.65 -28.39 -2.55
C ILE B 374 18.78 -27.78 -1.74
N VAL B 375 20.04 -28.07 -2.11
CA VAL B 375 21.16 -27.72 -1.23
C VAL B 375 21.33 -26.25 -0.84
N ASP B 376 21.14 -25.32 -1.78
CA ASP B 376 21.31 -23.93 -1.43
C ASP B 376 20.31 -23.49 -0.32
N SER B 377 19.07 -23.95 -0.31
CA SER B 377 18.14 -23.54 0.78
C SER B 377 18.59 -24.20 2.09
N ILE B 378 19.19 -25.40 2.00
CA ILE B 378 19.68 -26.05 3.25
C ILE B 378 20.80 -25.24 3.83
N THR B 379 21.78 -24.85 3.01
CA THR B 379 22.87 -24.10 3.60
C THR B 379 22.46 -22.68 4.02
N ALA B 380 21.44 -22.09 3.32
CA ALA B 380 20.98 -20.77 3.75
C ALA B 380 20.16 -20.85 5.05
N GLY B 381 19.60 -22.04 5.38
CA GLY B 381 18.69 -22.20 6.54
C GLY B 381 19.21 -21.60 7.82
N PRO B 382 20.45 -21.95 8.22
CA PRO B 382 21.04 -21.41 9.47
C PRO B 382 21.18 -19.92 9.50
N LEU B 383 21.50 -19.28 8.36
CA LEU B 383 21.62 -17.83 8.34
C LEU B 383 20.19 -17.21 8.37
N ALA B 384 19.23 -17.79 7.60
CA ALA B 384 17.86 -17.28 7.64
C ALA B 384 17.34 -17.31 9.11
N ALA B 385 17.62 -18.40 9.84
CA ALA B 385 17.15 -18.51 11.21
C ALA B 385 17.80 -17.42 12.07
N LYS B 386 19.11 -17.19 11.91
CA LYS B 386 19.82 -16.19 12.67
C LYS B 386 19.23 -14.82 12.41
N LEU B 387 18.92 -14.57 11.14
CA LEU B 387 18.36 -13.28 10.76
C LEU B 387 16.89 -13.17 11.06
N LYS B 388 16.25 -14.28 11.46
CA LYS B 388 14.79 -14.38 11.73
C LYS B 388 14.05 -13.89 10.47
N ALA B 389 14.48 -14.43 9.33
CA ALA B 389 13.88 -14.04 8.05
C ALA B 389 13.54 -15.27 7.24
N PRO B 390 12.60 -15.17 6.30
CA PRO B 390 12.24 -16.35 5.51
C PRO B 390 13.11 -16.60 4.32
N ILE B 391 13.02 -17.79 3.80
CA ILE B 391 13.66 -18.14 2.51
C ILE B 391 12.53 -18.25 1.45
N LEU B 392 12.68 -17.51 0.34
CA LEU B 392 11.73 -17.55 -0.76
C LEU B 392 12.41 -18.40 -1.87
N ILE B 393 11.71 -19.37 -2.48
CA ILE B 393 12.31 -20.12 -3.56
C ILE B 393 11.50 -19.83 -4.82
N THR B 394 12.18 -19.72 -5.95
CA THR B 394 11.48 -19.49 -7.25
C THR B 394 12.40 -19.96 -8.32
N PRO B 395 11.88 -20.26 -9.52
CA PRO B 395 12.79 -20.73 -10.58
C PRO B 395 13.79 -19.70 -11.00
N LYS B 396 14.83 -20.16 -11.70
CA LYS B 396 15.85 -19.24 -12.16
C LYS B 396 15.35 -18.16 -13.11
N THR B 397 14.34 -18.48 -13.97
CA THR B 397 13.96 -17.49 -14.99
C THR B 397 12.67 -16.76 -14.71
N TYR B 398 11.98 -17.01 -13.59
CA TYR B 398 10.77 -16.21 -13.32
C TYR B 398 10.37 -16.24 -11.84
N VAL B 399 9.69 -15.19 -11.40
CA VAL B 399 9.13 -15.13 -10.06
C VAL B 399 7.83 -15.86 -10.17
N SER B 400 7.63 -16.88 -9.35
CA SER B 400 6.37 -17.61 -9.41
C SER B 400 5.20 -16.69 -9.11
N ALA B 401 4.09 -16.84 -9.86
CA ALA B 401 2.88 -16.04 -9.63
C ALA B 401 2.33 -16.29 -8.23
N TYR B 402 2.68 -17.47 -7.62
CA TYR B 402 2.15 -17.66 -6.28
C TYR B 402 2.71 -16.69 -5.23
N HIS B 403 3.82 -16.02 -5.52
CA HIS B 403 4.48 -15.09 -4.57
C HIS B 403 3.88 -13.67 -4.64
N SER B 404 2.90 -13.43 -5.57
CA SER B 404 2.44 -12.02 -5.76
C SER B 404 1.91 -11.31 -4.56
N THR B 405 1.04 -11.92 -3.77
CA THR B 405 0.47 -11.19 -2.62
C THR B 405 1.53 -10.87 -1.61
N ASN B 406 2.38 -11.87 -1.29
CA ASN B 406 3.40 -11.60 -0.28
C ASN B 406 4.35 -10.57 -0.74
N LEU B 407 4.85 -10.64 -1.99
CA LEU B 407 5.85 -9.68 -2.41
C LEU B 407 5.27 -8.29 -2.55
N SER B 408 4.03 -8.24 -2.99
CA SER B 408 3.37 -6.93 -3.14
C SER B 408 3.18 -6.29 -1.79
N GLU B 409 2.58 -7.01 -0.85
CA GLU B 409 2.25 -6.46 0.46
C GLU B 409 3.41 -6.16 1.37
N LYS B 410 4.41 -7.06 1.40
CA LYS B 410 5.53 -6.88 2.33
C LYS B 410 6.67 -6.07 1.83
N THR B 411 7.53 -5.64 2.79
CA THR B 411 8.79 -5.03 2.47
C THR B 411 9.86 -5.89 3.15
N ALA B 412 11.09 -5.80 2.69
CA ALA B 412 12.23 -6.50 3.34
C ALA B 412 13.34 -5.51 3.30
N GLU B 413 14.08 -5.34 4.40
CA GLU B 413 15.13 -4.32 4.38
C GLU B 413 16.27 -4.73 3.49
N THR B 414 16.66 -6.05 3.56
CA THR B 414 17.77 -6.51 2.71
C THR B 414 17.34 -7.83 2.01
N VAL B 415 17.70 -7.98 0.74
CA VAL B 415 17.42 -9.19 0.06
C VAL B 415 18.74 -9.91 -0.09
N TYR B 416 18.80 -11.20 0.25
CA TYR B 416 20.05 -11.99 0.08
C TYR B 416 19.81 -12.93 -1.07
N GLN B 417 20.69 -12.90 -2.07
CA GLN B 417 20.55 -13.80 -3.22
C GLN B 417 21.45 -14.98 -2.96
N ILE B 418 20.87 -16.17 -2.83
CA ILE B 418 21.68 -17.31 -2.52
C ILE B 418 22.07 -18.09 -3.76
N GLY B 419 23.39 -18.29 -3.94
CA GLY B 419 23.86 -19.10 -5.07
C GLY B 419 23.83 -18.27 -6.36
N ASP B 420 24.39 -18.86 -7.38
CA ASP B 420 24.48 -18.26 -8.70
C ASP B 420 23.51 -18.93 -9.68
N GLY B 421 23.02 -18.21 -10.66
CA GLY B 421 22.14 -18.83 -11.67
C GLY B 421 20.80 -18.14 -11.78
N MET B 422 20.25 -17.58 -10.69
CA MET B 422 18.98 -16.88 -10.85
C MET B 422 19.23 -15.61 -11.76
N LYS B 423 18.33 -15.33 -12.72
CA LYS B 423 18.49 -14.20 -13.66
C LYS B 423 18.38 -12.91 -12.93
N ASP B 424 19.14 -11.92 -13.36
CA ASP B 424 19.10 -10.59 -12.78
C ASP B 424 17.72 -10.03 -12.73
N SER B 425 16.91 -10.28 -13.76
CA SER B 425 15.60 -9.67 -13.78
C SER B 425 14.67 -10.22 -12.72
N VAL B 426 14.87 -11.52 -12.35
CA VAL B 426 14.03 -12.19 -11.33
C VAL B 426 14.44 -11.67 -9.95
N ILE B 427 15.75 -11.65 -9.61
CA ILE B 427 16.10 -11.17 -8.29
C ILE B 427 15.76 -9.67 -8.19
N ASN B 428 15.95 -8.88 -9.29
N ASN B 428 15.98 -8.91 -9.26
CA ASN B 428 15.60 -7.46 -9.22
CA ASN B 428 15.71 -7.48 -9.18
C ASN B 428 14.08 -7.24 -9.06
C ASN B 428 14.18 -7.24 -9.10
N SER B 429 13.27 -8.09 -9.70
CA SER B 429 11.83 -7.98 -9.56
C SER B 429 11.47 -8.18 -8.07
N ILE B 430 12.00 -9.22 -7.45
CA ILE B 430 11.70 -9.48 -6.01
C ILE B 430 12.18 -8.31 -5.18
N ALA B 431 13.42 -7.80 -5.45
CA ALA B 431 13.93 -6.69 -4.61
C ALA B 431 13.11 -5.41 -4.81
N SER B 432 12.60 -5.18 -6.03
CA SER B 432 11.74 -4.02 -6.27
C SER B 432 10.44 -4.18 -5.55
N SER B 433 9.79 -5.35 -5.65
CA SER B 433 8.55 -5.53 -4.89
C SER B 433 8.72 -5.31 -3.40
N LEU B 434 9.89 -5.74 -2.87
CA LEU B 434 10.08 -5.66 -1.43
C LEU B 434 10.55 -4.30 -0.97
N SER B 435 10.66 -3.30 -1.88
CA SER B 435 11.04 -1.98 -1.40
C SER B 435 9.83 -1.15 -0.99
N LYS B 436 8.60 -1.61 -1.27
CA LYS B 436 7.45 -0.81 -0.83
C LYS B 436 6.22 -1.62 -0.63
N HIS B 437 5.32 -1.11 0.20
CA HIS B 437 4.05 -1.78 0.46
C HIS B 437 3.09 -1.57 -0.72
N ASN B 438 2.24 -2.58 -1.00
CA ASN B 438 1.32 -2.55 -2.15
C ASN B 438 2.07 -2.23 -3.39
N ALA B 439 3.21 -2.88 -3.54
CA ALA B 439 4.00 -2.69 -4.75
C ALA B 439 3.20 -3.27 -5.94
N PRO B 440 3.28 -2.67 -7.14
CA PRO B 440 2.52 -3.24 -8.26
C PRO B 440 3.12 -4.57 -8.67
N THR B 441 2.27 -5.43 -9.22
CA THR B 441 2.71 -6.71 -9.70
C THR B 441 2.88 -6.51 -11.17
N GLU B 442 3.98 -5.93 -11.60
CA GLU B 442 4.08 -5.79 -13.03
C GLU B 442 5.49 -6.17 -13.48
N PRO B 443 6.60 -5.53 -13.04
CA PRO B 443 7.99 -5.85 -13.45
C PRO B 443 8.22 -7.32 -13.81
N ASP B 444 7.50 -8.23 -13.16
CA ASP B 444 7.53 -9.66 -13.47
C ASP B 444 6.89 -9.90 -14.86
N ASN B 445 6.59 -8.80 -15.58
CA ASN B 445 5.95 -8.82 -16.89
C ASN B 445 6.92 -9.25 -17.98
N SER B 446 8.16 -8.74 -17.92
CA SER B 446 9.18 -9.08 -18.90
C SER B 446 10.06 -10.22 -18.35
N GLY B 447 10.47 -11.16 -19.21
CA GLY B 447 11.31 -12.27 -18.77
C GLY B 447 12.06 -12.86 -19.94
N SER B 448 11.37 -13.73 -20.69
CA SER B 448 11.94 -14.37 -21.88
C SER B 448 11.56 -13.51 -23.09
N ALA B 449 12.31 -12.44 -23.34
CA ALA B 449 12.04 -11.53 -24.47
C ALA B 449 11.90 -12.28 -25.81
N ALA B 450 12.38 -13.54 -25.88
CA ALA B 450 12.31 -14.35 -27.08
C ALA B 450 10.98 -15.15 -27.17
N GLY B 451 10.52 -15.68 -26.05
CA GLY B 451 9.32 -16.49 -26.06
C GLY B 451 8.04 -15.79 -26.46
N LYS B 452 7.03 -16.59 -26.67
CA LYS B 452 5.71 -16.09 -26.93
C LYS B 452 5.20 -15.38 -25.63
N THR B 453 4.11 -14.55 -25.75
CA THR B 453 3.55 -13.92 -24.56
C THR B 453 2.05 -14.15 -24.54
N VAL B 454 1.54 -14.56 -23.39
CA VAL B 454 0.11 -14.85 -23.24
C VAL B 454 -0.43 -14.04 -22.05
N VAL B 455 -1.63 -13.52 -22.13
CA VAL B 455 -2.25 -12.86 -20.96
C VAL B 455 -3.27 -13.85 -20.45
N ILE B 456 -3.23 -14.16 -19.14
CA ILE B 456 -4.18 -15.06 -18.49
C ILE B 456 -5.13 -14.20 -17.65
N ASP B 457 -6.44 -14.35 -17.83
CA ASP B 457 -7.40 -13.48 -17.11
C ASP B 457 -8.34 -14.29 -16.25
N PRO B 458 -8.07 -14.42 -14.95
CA PRO B 458 -9.00 -15.18 -14.08
C PRO B 458 -10.27 -14.33 -13.85
N GLY B 459 -11.43 -14.83 -14.29
CA GLY B 459 -12.66 -14.07 -14.21
C GLY B 459 -13.04 -13.61 -12.81
N HIS B 460 -13.68 -12.45 -12.78
CA HIS B 460 -14.20 -11.90 -11.53
C HIS B 460 -13.08 -11.58 -10.55
N GLY B 461 -13.42 -11.40 -9.24
CA GLY B 461 -12.38 -11.03 -8.29
C GLY B 461 -12.93 -9.94 -7.33
N GLY B 462 -12.45 -9.95 -6.07
CA GLY B 462 -12.79 -8.90 -5.09
C GLY B 462 -14.26 -8.85 -4.82
N SER B 463 -14.88 -7.66 -5.08
CA SER B 463 -16.30 -7.55 -4.83
C SER B 463 -17.15 -8.36 -5.70
N ASP B 464 -16.64 -8.82 -6.84
CA ASP B 464 -17.48 -9.66 -7.72
C ASP B 464 -17.03 -11.12 -7.49
N SER B 465 -17.83 -11.89 -6.74
CA SER B 465 -17.43 -13.26 -6.45
C SER B 465 -17.73 -14.21 -7.67
N GLY B 466 -18.51 -13.70 -8.66
CA GLY B 466 -18.92 -14.50 -9.80
C GLY B 466 -19.95 -15.47 -9.30
N ALA B 467 -20.21 -16.54 -10.06
CA ALA B 467 -21.20 -17.56 -9.64
C ALA B 467 -20.75 -18.26 -8.34
N THR B 468 -21.71 -18.60 -7.47
CA THR B 468 -21.36 -19.29 -6.23
C THR B 468 -22.30 -20.50 -5.99
N SER B 469 -21.92 -21.40 -5.11
CA SER B 469 -22.71 -22.57 -4.79
C SER B 469 -22.18 -23.13 -3.44
N GLY B 470 -22.91 -24.10 -2.84
CA GLY B 470 -22.47 -24.69 -1.58
C GLY B 470 -21.66 -25.95 -1.85
N LEU B 471 -21.41 -26.27 -3.14
CA LEU B 471 -20.62 -27.47 -3.50
C LEU B 471 -19.20 -27.33 -2.99
N ASN B 472 -18.54 -28.45 -2.75
CA ASN B 472 -17.14 -28.48 -2.30
C ASN B 472 -16.91 -27.62 -1.02
N GLY B 473 -17.94 -27.60 -0.13
CA GLY B 473 -17.90 -26.86 1.12
C GLY B 473 -17.95 -25.37 0.85
N GLY B 474 -18.78 -24.98 -0.13
CA GLY B 474 -18.85 -23.57 -0.49
C GLY B 474 -17.85 -23.32 -1.61
N ALA B 475 -18.35 -22.78 -2.70
CA ALA B 475 -17.54 -22.52 -3.87
C ALA B 475 -17.79 -21.11 -4.40
N GLN B 476 -16.72 -20.38 -4.74
CA GLN B 476 -16.90 -19.08 -5.35
C GLN B 476 -16.11 -19.03 -6.64
N GLU B 477 -16.78 -18.67 -7.74
CA GLU B 477 -16.11 -18.62 -9.03
C GLU B 477 -14.77 -17.86 -8.94
N LYS B 478 -14.74 -16.65 -8.31
CA LYS B 478 -13.48 -15.87 -8.34
C LYS B 478 -12.31 -16.62 -7.74
N LYS B 479 -12.56 -17.55 -6.76
CA LYS B 479 -11.46 -18.31 -6.21
C LYS B 479 -10.99 -19.46 -7.15
N TYR B 480 -11.96 -20.18 -7.75
CA TYR B 480 -11.62 -21.29 -8.66
C TYR B 480 -10.95 -20.74 -9.87
N THR B 481 -11.39 -19.57 -10.40
CA THR B 481 -10.73 -19.05 -11.58
C THR B 481 -9.32 -18.65 -11.22
N LEU B 482 -9.11 -18.02 -10.03
CA LEU B 482 -7.75 -17.63 -9.71
C LEU B 482 -6.81 -18.86 -9.53
N ASN B 483 -7.27 -19.88 -8.79
CA ASN B 483 -6.37 -21.02 -8.59
C ASN B 483 -6.11 -21.78 -9.92
N THR B 484 -7.12 -21.86 -10.77
CA THR B 484 -6.92 -22.53 -12.06
C THR B 484 -5.94 -21.71 -12.89
N ALA B 485 -6.18 -20.38 -12.93
CA ALA B 485 -5.33 -19.47 -13.71
C ALA B 485 -3.92 -19.46 -13.23
N LEU B 486 -3.69 -19.57 -11.90
CA LEU B 486 -2.32 -19.60 -11.41
C LEU B 486 -1.60 -20.85 -11.91
N ALA B 487 -2.30 -21.96 -11.94
CA ALA B 487 -1.67 -23.22 -12.41
C ALA B 487 -1.37 -23.09 -13.91
N THR B 488 -2.30 -22.49 -14.68
CA THR B 488 -2.08 -22.29 -16.11
C THR B 488 -0.84 -21.42 -16.33
N THR B 489 -0.75 -20.28 -15.57
CA THR B 489 0.39 -19.37 -15.68
C THR B 489 1.72 -20.04 -15.36
N GLU B 490 1.78 -20.83 -14.28
CA GLU B 490 3.05 -21.43 -13.86
C GLU B 490 3.51 -22.51 -14.88
N TYR B 491 2.52 -23.22 -15.44
CA TYR B 491 2.82 -24.23 -16.44
C TYR B 491 3.41 -23.53 -17.65
N LEU B 492 2.76 -22.50 -18.14
CA LEU B 492 3.30 -21.82 -19.33
C LEU B 492 4.72 -21.23 -19.07
N ARG B 493 4.89 -20.55 -17.91
CA ARG B 493 6.22 -20.02 -17.59
C ARG B 493 7.25 -21.14 -17.54
N SER B 494 6.90 -22.30 -16.99
CA SER B 494 7.84 -23.42 -16.89
C SER B 494 8.26 -23.93 -18.27
N LYS B 495 7.47 -23.59 -19.31
CA LYS B 495 7.78 -24.01 -20.67
C LYS B 495 8.38 -22.85 -21.47
N GLY B 496 8.79 -21.77 -20.77
CA GLY B 496 9.40 -20.63 -21.46
C GLY B 496 8.48 -19.67 -22.17
N ILE B 497 7.16 -19.71 -21.85
CA ILE B 497 6.23 -18.75 -22.45
C ILE B 497 6.03 -17.65 -21.44
N ASN B 498 6.12 -16.41 -21.83
N ASN B 498 6.12 -16.45 -21.81
CA ASN B 498 5.92 -15.30 -20.92
CA ASN B 498 5.90 -15.33 -20.90
C ASN B 498 4.45 -15.15 -20.58
C ASN B 498 4.42 -15.17 -20.63
N VAL B 499 4.09 -14.92 -19.30
CA VAL B 499 2.65 -14.72 -18.99
C VAL B 499 2.47 -13.47 -18.20
N VAL B 500 1.51 -12.67 -18.59
CA VAL B 500 1.12 -11.55 -17.76
C VAL B 500 -0.33 -11.87 -17.28
N MET B 501 -0.58 -11.89 -15.95
CA MET B 501 -1.96 -12.11 -15.49
C MET B 501 -2.65 -10.75 -15.35
N THR B 502 -3.93 -10.68 -15.64
CA THR B 502 -4.68 -9.42 -15.42
C THR B 502 -4.74 -9.21 -13.91
N ARG B 503 -4.92 -10.26 -13.15
CA ARG B 503 -4.85 -10.15 -11.69
C ARG B 503 -4.23 -11.44 -11.19
N ASP B 504 -3.44 -11.35 -10.11
CA ASP B 504 -2.90 -12.62 -9.57
C ASP B 504 -3.24 -12.75 -8.09
N THR B 505 -4.18 -11.93 -7.64
CA THR B 505 -4.67 -11.91 -6.29
C THR B 505 -6.16 -11.68 -6.32
N ASP B 506 -6.83 -11.80 -5.16
CA ASP B 506 -8.25 -11.53 -5.08
C ASP B 506 -8.46 -9.99 -5.04
N LYS B 507 -8.82 -9.37 -6.14
CA LYS B 507 -9.03 -7.93 -6.17
C LYS B 507 -10.06 -7.64 -7.22
N THR B 508 -10.79 -6.54 -7.03
CA THR B 508 -11.82 -6.13 -7.96
C THR B 508 -11.17 -5.60 -9.19
N MET B 509 -11.66 -5.97 -10.37
CA MET B 509 -11.01 -5.46 -11.58
C MET B 509 -12.03 -5.52 -12.74
N ALA B 510 -12.33 -4.35 -13.35
CA ALA B 510 -13.38 -4.29 -14.39
C ALA B 510 -12.88 -4.87 -15.73
N LEU B 511 -13.79 -5.28 -16.59
CA LEU B 511 -13.46 -5.82 -17.92
C LEU B 511 -12.67 -4.83 -18.67
N GLY B 512 -13.04 -3.54 -18.56
CA GLY B 512 -12.30 -2.53 -19.30
C GLY B 512 -10.84 -2.38 -18.85
N GLU B 513 -10.56 -2.74 -17.60
CA GLU B 513 -9.14 -2.67 -17.16
C GLU B 513 -8.40 -3.87 -17.73
N ARG B 514 -9.06 -5.03 -17.81
CA ARG B 514 -8.41 -6.25 -18.32
C ARG B 514 -8.08 -6.11 -19.78
N THR B 515 -8.99 -5.49 -20.60
CA THR B 515 -8.66 -5.34 -22.02
C THR B 515 -7.59 -4.24 -22.22
N ALA B 516 -7.61 -3.17 -21.40
CA ALA B 516 -6.58 -2.13 -21.55
C ALA B 516 -5.21 -2.78 -21.31
N LEU B 517 -5.12 -3.66 -20.31
CA LEU B 517 -3.87 -4.33 -20.06
C LEU B 517 -3.48 -5.19 -21.24
N SER B 518 -4.44 -5.96 -21.80
CA SER B 518 -4.13 -6.82 -22.95
C SER B 518 -3.65 -5.95 -24.10
N ASN B 519 -4.30 -4.84 -24.32
CA ASN B 519 -3.92 -4.02 -25.44
C ASN B 519 -2.50 -3.35 -25.21
N THR B 520 -2.05 -3.25 -23.98
CA THR B 520 -0.70 -2.71 -23.74
C THR B 520 0.36 -3.82 -23.93
N ILE B 521 0.01 -5.05 -23.48
CA ILE B 521 0.93 -6.15 -23.56
C ILE B 521 1.08 -6.66 -24.99
N LYS B 522 0.01 -6.63 -25.76
CA LYS B 522 0.00 -7.12 -27.15
C LYS B 522 0.37 -8.58 -27.21
N PRO B 523 -0.37 -9.43 -26.47
CA PRO B 523 -0.03 -10.85 -26.49
C PRO B 523 -0.36 -11.66 -27.77
N ASP B 524 0.23 -12.84 -27.85
CA ASP B 524 -0.07 -13.79 -28.92
C ASP B 524 -1.45 -14.36 -28.63
N LEU B 525 -1.82 -14.43 -27.33
CA LEU B 525 -3.17 -14.91 -26.99
C LEU B 525 -3.55 -14.40 -25.61
N PHE B 526 -4.81 -14.01 -25.47
CA PHE B 526 -5.42 -13.61 -24.19
C PHE B 526 -6.45 -14.71 -23.85
N THR B 527 -6.37 -15.32 -22.67
CA THR B 527 -7.31 -16.33 -22.37
C THR B 527 -8.00 -15.96 -21.02
N SER B 528 -9.32 -15.79 -21.07
CA SER B 528 -10.12 -15.52 -19.89
C SER B 528 -10.61 -16.88 -19.39
N ILE B 529 -10.52 -17.07 -18.07
CA ILE B 529 -10.92 -18.33 -17.43
C ILE B 529 -12.06 -18.09 -16.48
N HIS B 530 -13.18 -18.82 -16.67
CA HIS B 530 -14.41 -18.66 -15.88
C HIS B 530 -15.03 -19.99 -15.53
N TYR B 531 -16.01 -19.95 -14.65
CA TYR B 531 -16.75 -21.19 -14.34
C TYR B 531 -18.23 -20.85 -14.65
N ASN B 532 -18.96 -21.80 -15.22
CA ASN B 532 -20.36 -21.59 -15.63
C ASN B 532 -21.32 -21.79 -14.47
N ALA B 533 -22.61 -21.64 -14.78
CA ALA B 533 -23.76 -21.79 -13.89
C ALA B 533 -24.77 -20.78 -14.27
N SER B 534 -24.31 -19.51 -14.06
CA SER B 534 -25.00 -18.22 -14.19
C SER B 534 -25.79 -18.15 -12.89
N ASN B 535 -25.13 -18.67 -11.82
CA ASN B 535 -25.68 -18.81 -10.47
C ASN B 535 -26.76 -19.90 -10.60
N GLY B 536 -26.37 -21.01 -11.26
CA GLY B 536 -27.27 -22.14 -11.52
C GLY B 536 -26.40 -23.33 -11.88
N SER B 537 -26.91 -24.37 -12.55
CA SER B 537 -25.97 -25.48 -12.77
C SER B 537 -26.25 -26.53 -13.83
N GLY B 538 -26.28 -26.20 -15.16
CA GLY B 538 -26.39 -27.28 -16.16
C GLY B 538 -25.01 -27.95 -16.07
N ASN B 539 -24.35 -28.35 -17.18
CA ASN B 539 -23.01 -28.92 -16.93
C ASN B 539 -22.12 -29.02 -18.19
N GLY B 540 -20.77 -29.05 -17.99
CA GLY B 540 -19.86 -29.19 -19.11
C GLY B 540 -18.87 -28.06 -19.30
N VAL B 541 -18.18 -28.10 -20.45
CA VAL B 541 -17.16 -27.13 -20.77
C VAL B 541 -17.49 -26.51 -22.14
N GLU B 542 -17.32 -25.20 -22.29
CA GLU B 542 -17.51 -24.57 -23.59
C GLU B 542 -16.51 -23.46 -23.71
N ILE B 543 -16.20 -23.05 -24.93
CA ILE B 543 -15.22 -21.99 -25.08
C ILE B 543 -15.70 -20.97 -26.13
N TYR B 544 -15.61 -19.68 -25.83
CA TYR B 544 -15.99 -18.68 -26.83
C TYR B 544 -14.80 -18.12 -27.50
N TYR B 545 -14.94 -17.82 -28.81
CA TYR B 545 -13.81 -17.30 -29.57
C TYR B 545 -14.35 -16.12 -30.42
N LYS B 546 -13.45 -15.42 -31.12
CA LYS B 546 -13.82 -14.21 -31.84
C LYS B 546 -14.59 -14.47 -33.13
N VAL B 547 -15.69 -13.76 -33.35
CA VAL B 547 -16.50 -14.07 -34.53
C VAL B 547 -15.66 -13.76 -35.82
N LYS B 548 -14.66 -12.92 -35.75
CA LYS B 548 -13.90 -12.71 -37.00
C LYS B 548 -13.19 -13.98 -37.42
N ASP B 549 -13.02 -14.95 -36.51
CA ASP B 549 -12.34 -16.20 -36.86
C ASP B 549 -13.33 -17.35 -37.13
N LYS B 550 -14.63 -17.05 -37.33
CA LYS B 550 -15.62 -18.11 -37.43
C LYS B 550 -15.28 -19.06 -38.61
N ASN B 551 -14.60 -18.57 -39.62
CA ASN B 551 -14.25 -19.49 -40.72
C ASN B 551 -12.79 -19.90 -40.62
N GLY B 552 -12.22 -19.83 -39.41
CA GLY B 552 -10.84 -20.21 -39.22
C GLY B 552 -10.01 -19.02 -38.76
N GLY B 553 -9.16 -19.26 -37.78
CA GLY B 553 -8.32 -18.17 -37.31
C GLY B 553 -7.75 -18.56 -35.96
N THR B 554 -6.84 -17.72 -35.45
CA THR B 554 -6.19 -18.07 -34.18
C THR B 554 -7.07 -18.39 -33.02
N THR B 555 -8.15 -17.59 -32.77
CA THR B 555 -8.94 -17.91 -31.57
C THR B 555 -9.72 -19.14 -31.75
N LYS B 556 -10.14 -19.48 -32.99
CA LYS B 556 -10.90 -20.72 -33.19
C LYS B 556 -10.00 -21.92 -32.95
N THR B 557 -8.75 -21.84 -33.48
CA THR B 557 -7.80 -22.91 -33.23
C THR B 557 -7.51 -23.05 -31.71
N ALA B 558 -7.29 -21.90 -31.04
CA ALA B 558 -6.99 -21.95 -29.59
C ALA B 558 -8.12 -22.62 -28.85
N ALA B 559 -9.38 -22.23 -29.20
CA ALA B 559 -10.52 -22.83 -28.51
C ALA B 559 -10.58 -24.35 -28.74
N SER B 560 -10.39 -24.75 -30.01
CA SER B 560 -10.42 -26.20 -30.31
C SER B 560 -9.31 -26.94 -29.55
N ASN B 561 -8.10 -26.36 -29.45
CA ASN B 561 -6.96 -27.03 -28.75
C ASN B 561 -7.21 -27.14 -27.24
N ILE B 562 -7.73 -26.06 -26.62
CA ILE B 562 -7.97 -26.14 -25.16
C ILE B 562 -9.10 -27.03 -24.83
N LEU B 563 -10.19 -27.02 -25.63
CA LEU B 563 -11.31 -27.93 -25.34
C LEU B 563 -10.77 -29.37 -25.40
N LYS B 564 -9.97 -29.67 -26.44
CA LYS B 564 -9.38 -31.00 -26.57
C LYS B 564 -8.63 -31.36 -25.29
N ARG B 565 -7.77 -30.45 -24.79
CA ARG B 565 -6.93 -30.79 -23.63
C ARG B 565 -7.70 -30.91 -22.40
N ILE B 566 -8.69 -30.06 -22.19
CA ILE B 566 -9.51 -30.28 -20.98
C ILE B 566 -10.19 -31.62 -21.01
N LEU B 567 -10.76 -31.99 -22.15
CA LEU B 567 -11.48 -33.26 -22.19
C LEU B 567 -10.56 -34.46 -22.15
N GLU B 568 -9.27 -34.29 -22.35
CA GLU B 568 -8.36 -35.46 -22.21
C GLU B 568 -8.19 -35.79 -20.73
N LYS B 569 -8.55 -34.88 -19.79
CA LYS B 569 -8.40 -35.24 -18.37
C LYS B 569 -9.68 -35.25 -17.65
N PHE B 570 -10.73 -34.57 -18.20
CA PHE B 570 -12.01 -34.51 -17.49
C PHE B 570 -13.16 -35.09 -18.27
N ASN B 571 -14.04 -35.88 -17.63
CA ASN B 571 -15.23 -36.40 -18.33
C ASN B 571 -16.38 -35.40 -18.14
N MET B 572 -16.22 -34.27 -18.70
CA MET B 572 -17.23 -33.26 -18.63
C MET B 572 -17.98 -33.23 -19.99
N LYS B 573 -19.22 -32.78 -20.00
CA LYS B 573 -20.00 -32.70 -21.24
C LYS B 573 -19.32 -31.74 -22.22
N ASN B 574 -19.12 -32.15 -23.46
CA ASN B 574 -18.52 -31.30 -24.47
C ASN B 574 -19.60 -30.40 -25.06
N ARG B 575 -19.57 -29.09 -24.70
CA ARG B 575 -20.57 -28.17 -25.23
C ARG B 575 -20.06 -27.42 -26.41
N GLY B 576 -18.77 -27.63 -26.79
CA GLY B 576 -18.27 -27.03 -28.03
C GLY B 576 -17.67 -25.63 -27.93
N ILE B 577 -17.18 -25.14 -29.08
CA ILE B 577 -16.61 -23.81 -29.21
C ILE B 577 -17.62 -23.00 -29.88
N LYS B 578 -17.75 -21.73 -29.55
CA LYS B 578 -18.82 -20.94 -30.15
C LYS B 578 -18.56 -19.48 -30.10
N THR B 579 -19.38 -18.72 -30.83
CA THR B 579 -19.27 -17.26 -30.84
C THR B 579 -20.62 -16.68 -30.41
N ARG B 580 -20.62 -15.43 -30.05
CA ARG B 580 -21.86 -14.74 -29.71
C ARG B 580 -21.65 -13.27 -30.10
N THR B 581 -22.64 -12.63 -30.71
CA THR B 581 -22.45 -11.26 -31.12
C THR B 581 -23.62 -10.36 -30.75
N LEU B 582 -23.27 -9.05 -30.63
CA LEU B 582 -24.23 -7.98 -30.43
C LEU B 582 -25.00 -7.84 -31.77
N ASP B 583 -26.00 -6.96 -31.80
CA ASP B 583 -26.79 -6.72 -33.03
C ASP B 583 -25.98 -6.19 -34.17
N ASN B 584 -24.86 -5.52 -33.90
CA ASN B 584 -24.05 -5.01 -35.02
C ASN B 584 -23.02 -5.99 -35.47
N GLY B 585 -23.04 -7.23 -34.97
CA GLY B 585 -22.07 -8.19 -35.47
C GLY B 585 -20.76 -8.25 -34.69
N LYS B 586 -20.56 -7.36 -33.71
CA LYS B 586 -19.29 -7.43 -32.92
C LYS B 586 -19.46 -8.43 -31.80
N ASP B 587 -18.34 -8.93 -31.26
CA ASP B 587 -18.42 -9.96 -30.21
C ASP B 587 -19.19 -9.43 -29.00
N TYR B 588 -19.96 -10.33 -28.36
CA TYR B 588 -20.74 -10.00 -27.18
C TYR B 588 -19.83 -9.84 -25.95
N LEU B 589 -18.86 -10.72 -25.77
CA LEU B 589 -17.98 -10.62 -24.60
C LEU B 589 -17.07 -9.44 -24.70
N TYR B 590 -17.05 -8.59 -23.69
CA TYR B 590 -16.24 -7.37 -23.69
C TYR B 590 -14.70 -7.65 -23.97
N VAL B 591 -14.14 -8.68 -23.31
CA VAL B 591 -12.72 -8.99 -23.44
C VAL B 591 -12.39 -9.55 -24.83
N LEU B 592 -13.42 -9.92 -25.63
CA LEU B 592 -13.14 -10.29 -27.03
C LEU B 592 -13.35 -9.00 -27.90
N ARG B 593 -14.50 -8.33 -27.73
CA ARG B 593 -14.83 -7.18 -28.59
C ARG B 593 -13.80 -6.08 -28.48
N ASN B 594 -13.34 -5.80 -27.28
CA ASN B 594 -12.46 -4.63 -27.09
C ASN B 594 -10.99 -5.00 -27.03
N ASN B 595 -10.69 -6.24 -27.42
CA ASN B 595 -9.30 -6.66 -27.43
C ASN B 595 -8.74 -6.54 -28.83
N ASN B 596 -7.58 -5.93 -28.99
CA ASN B 596 -6.96 -5.86 -30.29
C ASN B 596 -6.12 -7.09 -30.57
N TYR B 597 -6.08 -8.05 -29.65
CA TYR B 597 -5.26 -9.26 -29.81
C TYR B 597 -6.15 -10.51 -29.72
N PRO B 598 -5.70 -11.67 -30.20
CA PRO B 598 -6.51 -12.91 -30.18
C PRO B 598 -6.96 -13.17 -28.74
N ALA B 599 -8.23 -13.37 -28.53
CA ALA B 599 -8.80 -13.58 -27.17
C ALA B 599 -9.86 -14.67 -27.20
N ILE B 600 -9.98 -15.46 -26.09
CA ILE B 600 -11.01 -16.50 -25.96
C ILE B 600 -11.44 -16.49 -24.50
N LEU B 601 -12.59 -17.08 -24.22
CA LEU B 601 -13.03 -17.20 -22.83
C LEU B 601 -13.41 -18.64 -22.62
N VAL B 602 -12.78 -19.29 -21.64
CA VAL B 602 -13.01 -20.70 -21.35
C VAL B 602 -13.98 -20.81 -20.16
N GLU B 603 -15.13 -21.52 -20.31
CA GLU B 603 -16.03 -21.76 -19.16
C GLU B 603 -15.67 -23.21 -18.82
N CYS B 604 -14.81 -23.44 -17.79
CA CYS B 604 -14.23 -24.76 -17.41
C CYS B 604 -15.18 -25.79 -16.99
N ALA B 605 -16.24 -25.38 -16.30
CA ALA B 605 -17.14 -26.36 -15.73
C ALA B 605 -18.27 -25.59 -15.12
N PHE B 606 -19.37 -26.27 -14.67
CA PHE B 606 -20.46 -25.53 -14.04
C PHE B 606 -20.20 -25.60 -12.53
N ILE B 607 -19.93 -24.42 -11.91
CA ILE B 607 -19.63 -24.37 -10.48
C ILE B 607 -20.82 -24.79 -9.56
N ASP B 608 -22.08 -24.76 -10.04
CA ASP B 608 -23.16 -25.25 -9.16
C ASP B 608 -23.55 -26.71 -9.57
N ASN B 609 -22.76 -27.37 -10.45
CA ASN B 609 -23.07 -28.73 -10.89
C ASN B 609 -22.25 -29.69 -10.10
N LYS B 610 -22.90 -30.57 -9.35
CA LYS B 610 -22.18 -31.49 -8.51
C LYS B 610 -21.25 -32.44 -9.28
N SER B 611 -21.72 -33.01 -10.37
CA SER B 611 -20.84 -33.94 -11.08
C SER B 611 -19.55 -33.20 -11.56
N ASP B 612 -19.72 -31.98 -12.10
CA ASP B 612 -18.58 -31.20 -12.55
C ASP B 612 -17.65 -30.87 -11.38
N MET B 613 -18.24 -30.37 -10.27
CA MET B 613 -17.45 -29.97 -9.12
C MET B 613 -16.77 -31.15 -8.39
N ASP B 614 -17.33 -32.36 -8.45
CA ASP B 614 -16.65 -33.51 -7.82
C ASP B 614 -15.27 -33.73 -8.49
N LYS B 615 -15.16 -33.36 -9.79
CA LYS B 615 -13.91 -33.54 -10.52
C LYS B 615 -12.93 -32.41 -10.22
N LEU B 616 -13.39 -31.38 -9.52
CA LEU B 616 -12.55 -30.22 -9.17
C LEU B 616 -12.49 -30.02 -7.62
N ASN B 617 -12.66 -31.16 -6.92
CA ASN B 617 -12.70 -31.45 -5.48
C ASN B 617 -11.48 -31.00 -4.70
N THR B 618 -10.30 -31.01 -5.32
CA THR B 618 -9.08 -30.72 -4.57
C THR B 618 -8.23 -29.75 -5.32
N ALA B 619 -7.16 -29.29 -4.67
CA ALA B 619 -6.23 -28.35 -5.29
C ALA B 619 -5.56 -29.04 -6.44
N GLU B 620 -5.32 -30.34 -6.32
CA GLU B 620 -4.61 -31.07 -7.37
C GLU B 620 -5.51 -31.14 -8.63
N LYS B 621 -6.84 -31.31 -8.46
CA LYS B 621 -7.69 -31.35 -9.65
C LYS B 621 -7.78 -29.98 -10.34
N VAL B 622 -7.87 -28.91 -9.51
CA VAL B 622 -7.87 -27.55 -10.06
C VAL B 622 -6.54 -27.37 -10.77
N LYS B 623 -5.45 -27.91 -10.23
CA LYS B 623 -4.17 -27.73 -10.90
C LYS B 623 -4.17 -28.48 -12.27
N THR B 624 -4.80 -29.63 -12.32
CA THR B 624 -4.88 -30.38 -13.56
C THR B 624 -5.66 -29.58 -14.59
N MET B 625 -6.77 -28.97 -14.14
CA MET B 625 -7.53 -28.17 -15.07
C MET B 625 -6.66 -27.03 -15.58
N GLY B 626 -5.95 -26.29 -14.71
CA GLY B 626 -5.14 -25.17 -15.22
C GLY B 626 -4.02 -25.70 -16.12
N THR B 627 -3.47 -26.84 -15.79
CA THR B 627 -2.39 -27.38 -16.67
C THR B 627 -2.89 -27.71 -18.05
N GLN B 628 -4.10 -28.35 -18.18
CA GLN B 628 -4.63 -28.71 -19.50
C GLN B 628 -4.85 -27.44 -20.29
N ILE B 629 -5.41 -26.39 -19.62
CA ILE B 629 -5.58 -25.17 -20.39
C ILE B 629 -4.22 -24.68 -20.86
N GLY B 630 -3.15 -24.72 -20.00
CA GLY B 630 -1.85 -24.25 -20.43
C GLY B 630 -1.31 -25.06 -21.64
N ILE B 631 -1.56 -26.37 -21.63
CA ILE B 631 -1.08 -27.22 -22.76
C ILE B 631 -1.78 -26.81 -24.03
N GLY B 632 -3.11 -26.55 -23.91
CA GLY B 632 -3.90 -26.12 -25.04
C GLY B 632 -3.37 -24.81 -25.61
N ILE B 633 -3.01 -23.86 -24.70
CA ILE B 633 -2.47 -22.58 -25.16
C ILE B 633 -1.11 -22.80 -25.82
N GLU B 634 -0.27 -23.61 -25.16
CA GLU B 634 1.06 -23.90 -25.71
C GLU B 634 0.93 -24.54 -27.12
N ASP B 635 -0.05 -25.47 -27.30
CA ASP B 635 -0.28 -26.15 -28.61
C ASP B 635 -0.52 -25.08 -29.64
N THR B 636 -1.24 -24.03 -29.26
CA THR B 636 -1.60 -22.99 -30.20
C THR B 636 -0.52 -21.97 -30.50
N VAL B 637 0.17 -21.44 -29.48
CA VAL B 637 1.07 -20.32 -29.78
C VAL B 637 2.50 -20.75 -30.05
N LYS B 638 2.90 -21.97 -29.70
CA LYS B 638 4.32 -22.30 -29.91
C LYS B 638 4.73 -22.20 -31.38
#